data_2M35
#
_entry.id   2M35
#
_cell.length_a   1.000
_cell.length_b   1.000
_cell.length_c   1.000
_cell.angle_alpha   90.00
_cell.angle_beta   90.00
_cell.angle_gamma   90.00
#
_symmetry.space_group_name_H-M   'P 1'
#
_entity_poly.entity_id   1
_entity_poly.type   'polypeptide(L)'
_entity_poly.pdbx_seq_one_letter_code
;TDDESSNKCAKTKRRENVCRVCGNRSGNDEYYSECCESDYRYHRCLDLLRNF
;
_entity_poly.pdbx_strand_id   A
#
# COMPACT_ATOMS: atom_id res chain seq x y z
N THR A 1 1.35 13.62 16.94
CA THR A 1 0.68 13.59 15.64
C THR A 1 1.68 13.64 14.50
N ASP A 2 1.64 12.62 13.65
CA ASP A 2 2.54 12.54 12.50
C ASP A 2 1.82 12.91 11.21
N ASP A 3 2.59 13.07 10.14
CA ASP A 3 2.01 13.42 8.84
C ASP A 3 2.41 12.39 7.78
N GLU A 4 1.87 12.56 6.57
CA GLU A 4 2.17 11.65 5.48
C GLU A 4 3.66 11.67 5.13
N SER A 5 4.34 12.71 5.59
CA SER A 5 5.77 12.86 5.32
C SER A 5 6.56 11.72 5.95
N SER A 6 5.93 11.01 6.88
CA SER A 6 6.57 9.89 7.56
C SER A 6 6.27 8.58 6.84
N ASN A 7 4.98 8.23 6.78
CA ASN A 7 4.55 7.00 6.12
C ASN A 7 3.04 6.99 5.91
N LYS A 8 2.62 7.05 4.66
CA LYS A 8 1.19 7.04 4.33
C LYS A 8 0.52 5.79 4.87
N CYS A 9 1.30 4.74 5.09
CA CYS A 9 0.77 3.49 5.61
C CYS A 9 0.43 3.62 7.09
N ALA A 10 1.03 4.61 7.76
CA ALA A 10 0.78 4.84 9.16
C ALA A 10 -0.33 5.86 9.37
N LYS A 11 -0.75 6.50 8.29
CA LYS A 11 -1.82 7.49 8.35
C LYS A 11 -3.18 6.82 8.42
N THR A 12 -3.23 5.55 8.04
CA THR A 12 -4.48 4.79 8.07
C THR A 12 -4.20 3.29 8.04
N LYS A 13 -5.11 2.51 8.62
CA LYS A 13 -4.98 1.07 8.65
C LYS A 13 -5.13 0.47 7.25
N ARG A 14 -6.14 0.93 6.52
CA ARG A 14 -6.38 0.45 5.17
C ARG A 14 -5.13 0.59 4.30
N ARG A 15 -4.44 1.72 4.45
CA ARG A 15 -3.23 1.98 3.68
C ARG A 15 -2.16 0.92 3.98
N GLU A 16 -2.03 0.56 5.25
CA GLU A 16 -1.05 -0.44 5.66
C GLU A 16 -1.43 -1.82 5.14
N ASN A 17 -2.73 -2.10 5.10
CA ASN A 17 -3.23 -3.38 4.64
C ASN A 17 -3.10 -3.50 3.12
N VAL A 18 -3.36 -2.40 2.42
CA VAL A 18 -3.27 -2.37 0.96
C VAL A 18 -1.87 -2.76 0.49
N CYS A 19 -0.86 -2.35 1.26
CA CYS A 19 0.53 -2.65 0.92
C CYS A 19 0.85 -4.11 1.22
N ARG A 20 0.37 -4.59 2.36
CA ARG A 20 0.60 -5.98 2.76
C ARG A 20 -0.11 -6.95 1.81
N VAL A 21 -1.37 -6.66 1.53
CA VAL A 21 -2.16 -7.51 0.65
C VAL A 21 -1.64 -7.44 -0.78
N CYS A 22 -1.16 -6.27 -1.18
CA CYS A 22 -0.64 -6.06 -2.52
C CYS A 22 0.53 -7.00 -2.80
N GLY A 23 1.45 -7.08 -1.84
CA GLY A 23 2.61 -7.95 -2.00
C GLY A 23 2.23 -9.41 -2.10
N ASN A 24 1.25 -9.82 -1.30
CA ASN A 24 0.80 -11.20 -1.30
C ASN A 24 0.09 -11.54 -2.60
N ARG A 25 -0.81 -10.66 -3.04
CA ARG A 25 -1.55 -10.87 -4.27
C ARG A 25 -0.61 -11.03 -5.46
N SER A 26 0.23 -10.02 -5.68
CA SER A 26 1.19 -10.04 -6.78
C SER A 26 2.25 -11.12 -6.55
N GLY A 27 2.51 -11.42 -5.29
CA GLY A 27 3.51 -12.43 -4.95
C GLY A 27 4.92 -11.87 -4.97
N ASN A 28 5.05 -10.59 -4.61
CA ASN A 28 6.35 -9.94 -4.59
C ASN A 28 6.55 -9.17 -3.29
N ASP A 29 7.53 -9.59 -2.50
CA ASP A 29 7.83 -8.94 -1.23
C ASP A 29 8.18 -7.47 -1.43
N GLU A 30 8.58 -7.13 -2.65
CA GLU A 30 8.95 -5.77 -2.98
C GLU A 30 7.71 -4.89 -3.17
N TYR A 31 6.66 -5.48 -3.75
CA TYR A 31 5.42 -4.77 -3.99
C TYR A 31 4.91 -4.11 -2.72
N TYR A 32 5.25 -4.70 -1.58
CA TYR A 32 4.83 -4.17 -0.28
C TYR A 32 5.28 -2.74 -0.11
N SER A 33 6.55 -2.47 -0.41
CA SER A 33 7.10 -1.13 -0.28
C SER A 33 6.55 -0.21 -1.38
N GLU A 34 6.24 -0.80 -2.53
CA GLU A 34 5.70 -0.03 -3.65
C GLU A 34 4.49 0.77 -3.23
N CYS A 35 3.51 0.08 -2.64
CA CYS A 35 2.28 0.72 -2.19
C CYS A 35 2.59 1.86 -1.22
N CYS A 36 3.62 1.69 -0.41
CA CYS A 36 4.02 2.69 0.56
C CYS A 36 4.57 3.94 -0.15
N GLU A 37 4.85 3.80 -1.44
CA GLU A 37 5.38 4.90 -2.22
C GLU A 37 4.29 5.92 -2.55
N SER A 38 4.64 6.94 -3.34
CA SER A 38 3.69 7.97 -3.73
C SER A 38 2.33 7.36 -4.06
N ASP A 39 1.28 8.17 -3.91
CA ASP A 39 -0.08 7.72 -4.21
C ASP A 39 -0.15 7.06 -5.58
N TYR A 40 0.75 7.46 -6.47
CA TYR A 40 0.79 6.92 -7.82
C TYR A 40 0.77 5.39 -7.79
N ARG A 41 1.54 4.82 -6.87
CA ARG A 41 1.61 3.37 -6.74
C ARG A 41 0.48 2.84 -5.86
N TYR A 42 0.18 3.58 -4.80
CA TYR A 42 -0.88 3.19 -3.87
C TYR A 42 -2.17 2.89 -4.62
N HIS A 43 -2.52 3.76 -5.56
CA HIS A 43 -3.73 3.59 -6.35
C HIS A 43 -3.60 2.41 -7.31
N ARG A 44 -2.38 2.15 -7.77
CA ARG A 44 -2.13 1.05 -8.68
C ARG A 44 -2.34 -0.30 -7.98
N CYS A 45 -1.98 -0.35 -6.69
CA CYS A 45 -2.12 -1.58 -5.91
C CYS A 45 -3.59 -1.88 -5.65
N LEU A 46 -4.39 -0.83 -5.45
CA LEU A 46 -5.81 -0.99 -5.19
C LEU A 46 -6.50 -1.73 -6.34
N ASP A 47 -5.99 -1.53 -7.55
CA ASP A 47 -6.55 -2.17 -8.73
C ASP A 47 -6.62 -3.69 -8.55
N LEU A 48 -5.56 -4.26 -7.97
CA LEU A 48 -5.49 -5.69 -7.73
C LEU A 48 -6.38 -6.10 -6.56
N LEU A 49 -6.48 -5.22 -5.57
CA LEU A 49 -7.30 -5.48 -4.40
C LEU A 49 -8.78 -5.24 -4.71
N ARG A 50 -9.06 -4.80 -5.93
CA ARG A 50 -10.43 -4.54 -6.35
C ARG A 50 -11.32 -5.74 -6.08
N ASN A 51 -10.76 -6.94 -6.22
CA ASN A 51 -11.50 -8.17 -5.99
C ASN A 51 -11.27 -8.70 -4.57
N PHE A 52 -11.08 -7.78 -3.64
CA PHE A 52 -10.85 -8.14 -2.25
C PHE A 52 -11.91 -9.13 -1.76
N THR A 1 2.90 14.28 16.43
CA THR A 1 2.20 14.61 15.21
C THR A 1 2.64 13.71 14.06
N ASP A 2 1.74 12.84 13.62
CA ASP A 2 2.02 11.92 12.53
C ASP A 2 1.45 12.43 11.21
N ASP A 3 2.35 12.75 10.27
CA ASP A 3 1.92 13.26 8.97
C ASP A 3 2.33 12.29 7.86
N GLU A 4 1.77 12.50 6.67
CA GLU A 4 2.07 11.65 5.53
C GLU A 4 3.55 11.72 5.16
N SER A 5 4.22 12.76 5.65
CA SER A 5 5.65 12.95 5.38
C SER A 5 6.47 11.82 5.99
N SER A 6 5.85 11.06 6.90
CA SER A 6 6.53 9.96 7.56
C SER A 6 6.20 8.64 6.87
N ASN A 7 4.92 8.29 6.85
CA ASN A 7 4.47 7.05 6.22
C ASN A 7 2.96 7.03 6.04
N LYS A 8 2.52 7.02 4.79
CA LYS A 8 1.09 7.02 4.49
C LYS A 8 0.44 5.75 5.02
N CYS A 9 1.22 4.70 5.17
CA CYS A 9 0.72 3.42 5.67
C CYS A 9 0.27 3.55 7.12
N ALA A 10 0.87 4.49 7.84
CA ALA A 10 0.53 4.71 9.24
C ALA A 10 -0.58 5.75 9.38
N LYS A 11 -0.85 6.46 8.29
CA LYS A 11 -1.90 7.49 8.28
C LYS A 11 -3.28 6.84 8.32
N THR A 12 -3.36 5.57 7.94
CA THR A 12 -4.62 4.86 7.93
C THR A 12 -4.40 3.34 7.94
N LYS A 13 -5.34 2.60 8.51
CA LYS A 13 -5.25 1.15 8.57
C LYS A 13 -5.37 0.54 7.18
N ARG A 14 -6.35 1.01 6.41
CA ARG A 14 -6.56 0.51 5.06
C ARG A 14 -5.29 0.63 4.23
N ARG A 15 -4.57 1.74 4.41
CA ARG A 15 -3.34 1.98 3.66
C ARG A 15 -2.30 0.91 3.99
N GLU A 16 -2.17 0.59 5.27
CA GLU A 16 -1.20 -0.41 5.71
C GLU A 16 -1.60 -1.80 5.21
N ASN A 17 -2.90 -2.05 5.16
CA ASN A 17 -3.41 -3.34 4.69
C ASN A 17 -3.23 -3.50 3.20
N VAL A 18 -3.48 -2.41 2.46
CA VAL A 18 -3.36 -2.43 1.01
C VAL A 18 -1.94 -2.82 0.59
N CYS A 19 -0.96 -2.38 1.36
CA CYS A 19 0.44 -2.68 1.07
C CYS A 19 0.76 -4.13 1.42
N ARG A 20 0.26 -4.60 2.55
CA ARG A 20 0.49 -5.97 2.99
C ARG A 20 -0.21 -6.97 2.06
N VAL A 21 -1.43 -6.64 1.68
CA VAL A 21 -2.20 -7.50 0.79
C VAL A 21 -1.66 -7.45 -0.64
N CYS A 22 -1.16 -6.28 -1.03
CA CYS A 22 -0.62 -6.09 -2.37
C CYS A 22 0.53 -7.05 -2.63
N GLY A 23 1.46 -7.13 -1.68
CA GLY A 23 2.60 -8.01 -1.82
C GLY A 23 2.20 -9.46 -1.92
N ASN A 24 1.19 -9.86 -1.14
CA ASN A 24 0.72 -11.23 -1.15
C ASN A 24 0.03 -11.56 -2.47
N ARG A 25 -0.84 -10.66 -2.91
CA ARG A 25 -1.57 -10.86 -4.16
C ARG A 25 -0.61 -11.02 -5.34
N SER A 26 0.25 -10.02 -5.53
CA SER A 26 1.22 -10.06 -6.62
C SER A 26 2.25 -11.15 -6.39
N GLY A 27 2.51 -11.46 -5.12
CA GLY A 27 3.48 -12.49 -4.79
C GLY A 27 4.90 -11.96 -4.78
N ASN A 28 5.05 -10.70 -4.41
CA ASN A 28 6.36 -10.06 -4.36
C ASN A 28 6.54 -9.29 -3.06
N ASP A 29 7.51 -9.72 -2.25
CA ASP A 29 7.79 -9.06 -0.97
C ASP A 29 8.15 -7.60 -1.19
N GLU A 30 8.59 -7.27 -2.39
CA GLU A 30 8.98 -5.91 -2.73
C GLU A 30 7.74 -5.04 -2.96
N TYR A 31 6.72 -5.62 -3.57
CA TYR A 31 5.48 -4.91 -3.86
C TYR A 31 4.94 -4.23 -2.61
N TYR A 32 5.23 -4.82 -1.45
CA TYR A 32 4.78 -4.29 -0.18
C TYR A 32 5.23 -2.84 0.00
N SER A 33 6.51 -2.59 -0.26
CA SER A 33 7.07 -1.25 -0.13
C SER A 33 6.54 -0.33 -1.23
N GLU A 34 6.25 -0.91 -2.39
CA GLU A 34 5.74 -0.14 -3.52
C GLU A 34 4.51 0.65 -3.12
N CYS A 35 3.52 -0.03 -2.53
CA CYS A 35 2.30 0.62 -2.09
C CYS A 35 2.59 1.78 -1.15
N CYS A 36 3.57 1.59 -0.28
CA CYS A 36 3.95 2.62 0.68
C CYS A 36 4.49 3.86 -0.03
N GLU A 37 4.91 3.68 -1.28
CA GLU A 37 5.43 4.79 -2.07
C GLU A 37 4.34 5.80 -2.39
N SER A 38 4.69 6.81 -3.18
CA SER A 38 3.74 7.86 -3.55
C SER A 38 2.38 7.25 -3.89
N ASP A 39 1.33 8.05 -3.76
CA ASP A 39 -0.02 7.61 -4.06
C ASP A 39 -0.09 6.96 -5.44
N TYR A 40 0.82 7.37 -6.32
CA TYR A 40 0.86 6.84 -7.68
C TYR A 40 0.83 5.31 -7.66
N ARG A 41 1.59 4.72 -6.75
CA ARG A 41 1.66 3.27 -6.63
C ARG A 41 0.53 2.74 -5.75
N TYR A 42 0.20 3.50 -4.72
CA TYR A 42 -0.86 3.11 -3.79
C TYR A 42 -2.15 2.78 -4.55
N HIS A 43 -2.52 3.65 -5.48
CA HIS A 43 -3.72 3.46 -6.28
C HIS A 43 -3.55 2.28 -7.24
N ARG A 44 -2.32 2.05 -7.67
CA ARG A 44 -2.02 0.96 -8.59
C ARG A 44 -2.21 -0.40 -7.91
N CYS A 45 -1.93 -0.44 -6.62
CA CYS A 45 -2.07 -1.68 -5.85
C CYS A 45 -3.54 -2.00 -5.61
N LEU A 46 -4.35 -0.96 -5.45
CA LEU A 46 -5.78 -1.13 -5.21
C LEU A 46 -6.44 -1.85 -6.38
N ASP A 47 -5.92 -1.63 -7.58
CA ASP A 47 -6.46 -2.25 -8.78
C ASP A 47 -6.52 -3.78 -8.63
N LEU A 48 -5.48 -4.33 -8.00
CA LEU A 48 -5.41 -5.77 -7.79
C LEU A 48 -6.36 -6.21 -6.67
N LEU A 49 -6.47 -5.36 -5.64
CA LEU A 49 -7.35 -5.65 -4.51
C LEU A 49 -8.80 -5.38 -4.85
N ARG A 50 -9.03 -4.90 -6.07
CA ARG A 50 -10.39 -4.60 -6.52
C ARG A 50 -11.32 -5.80 -6.32
N ASN A 51 -10.80 -6.99 -6.63
CA ASN A 51 -11.57 -8.21 -6.49
C ASN A 51 -11.33 -8.86 -5.13
N PHE A 52 -10.79 -8.07 -4.20
CA PHE A 52 -10.51 -8.57 -2.86
C PHE A 52 -11.44 -7.92 -1.83
N THR A 1 3.54 20.41 10.96
CA THR A 1 3.79 19.00 11.23
C THR A 1 3.05 18.11 10.24
N ASP A 2 3.71 17.04 9.79
CA ASP A 2 3.11 16.11 8.84
C ASP A 2 3.20 14.68 9.36
N ASP A 3 2.05 14.01 9.40
CA ASP A 3 2.00 12.63 9.87
C ASP A 3 2.27 11.65 8.73
N GLU A 4 1.66 11.92 7.57
CA GLU A 4 1.83 11.06 6.41
C GLU A 4 3.27 11.12 5.90
N SER A 5 3.98 12.18 6.26
CA SER A 5 5.36 12.37 5.84
C SER A 5 6.24 11.24 6.36
N SER A 6 5.75 10.53 7.37
CA SER A 6 6.49 9.42 7.96
C SER A 6 6.17 8.11 7.25
N ASN A 7 4.89 7.75 7.24
CA ASN A 7 4.46 6.51 6.59
C ASN A 7 2.94 6.49 6.44
N LYS A 8 2.47 6.58 5.20
CA LYS A 8 1.03 6.57 4.93
C LYS A 8 0.40 5.27 5.42
N CYS A 9 1.21 4.21 5.50
CA CYS A 9 0.73 2.91 5.95
C CYS A 9 0.31 2.96 7.41
N ALA A 10 0.89 3.91 8.16
CA ALA A 10 0.58 4.06 9.57
C ALA A 10 -0.56 5.06 9.78
N LYS A 11 -0.89 5.79 8.72
CA LYS A 11 -1.95 6.79 8.79
C LYS A 11 -3.32 6.12 8.85
N THR A 12 -3.38 4.87 8.40
CA THR A 12 -4.63 4.11 8.41
C THR A 12 -4.37 2.61 8.30
N LYS A 13 -5.28 1.82 8.84
CA LYS A 13 -5.14 0.36 8.81
C LYS A 13 -5.28 -0.16 7.38
N ARG A 14 -6.28 0.34 6.66
CA ARG A 14 -6.52 -0.07 5.29
C ARG A 14 -5.26 0.12 4.44
N ARG A 15 -4.56 1.23 4.65
CA ARG A 15 -3.36 1.53 3.92
C ARG A 15 -2.29 0.47 4.16
N GLU A 16 -2.12 0.06 5.41
CA GLU A 16 -1.14 -0.94 5.78
C GLU A 16 -1.52 -2.30 5.19
N ASN A 17 -2.82 -2.57 5.12
CA ASN A 17 -3.31 -3.84 4.59
C ASN A 17 -3.16 -3.88 3.08
N VAL A 18 -3.42 -2.76 2.42
CA VAL A 18 -3.31 -2.67 0.97
C VAL A 18 -1.90 -3.01 0.51
N CYS A 19 -0.91 -2.62 1.30
CA CYS A 19 0.48 -2.89 0.97
C CYS A 19 0.82 -4.37 1.21
N ARG A 20 0.33 -4.91 2.31
CA ARG A 20 0.57 -6.31 2.65
C ARG A 20 -0.11 -7.24 1.66
N VAL A 21 -1.38 -6.96 1.37
CA VAL A 21 -2.15 -7.78 0.43
C VAL A 21 -1.61 -7.64 -0.99
N CYS A 22 -1.14 -6.45 -1.32
CA CYS A 22 -0.59 -6.18 -2.65
C CYS A 22 0.61 -7.08 -2.93
N GLY A 23 1.47 -7.26 -1.92
CA GLY A 23 2.64 -8.08 -2.08
C GLY A 23 2.29 -9.56 -2.24
N ASN A 24 1.29 -10.01 -1.49
CA ASN A 24 0.86 -11.40 -1.56
C ASN A 24 0.20 -11.71 -2.89
N ARG A 25 -0.70 -10.82 -3.32
CA ARG A 25 -1.41 -10.99 -4.58
C ARG A 25 -0.44 -11.01 -5.76
N SER A 26 0.35 -9.95 -5.88
CA SER A 26 1.32 -9.84 -6.96
C SER A 26 2.42 -10.90 -6.82
N GLY A 27 2.63 -11.35 -5.59
CA GLY A 27 3.64 -12.37 -5.34
C GLY A 27 5.04 -11.79 -5.33
N ASN A 28 5.17 -10.53 -4.89
CA ASN A 28 6.46 -9.87 -4.84
C ASN A 28 6.65 -9.17 -3.50
N ASP A 29 7.65 -9.61 -2.74
CA ASP A 29 7.95 -9.03 -1.44
C ASP A 29 8.27 -7.55 -1.58
N GLU A 30 8.67 -7.14 -2.77
CA GLU A 30 9.01 -5.74 -3.03
C GLU A 30 7.74 -4.89 -3.18
N TYR A 31 6.72 -5.48 -3.81
CA TYR A 31 5.46 -4.78 -4.03
C TYR A 31 4.93 -4.19 -2.73
N TYR A 32 5.26 -4.84 -1.61
CA TYR A 32 4.82 -4.39 -0.29
C TYR A 32 5.24 -2.94 -0.05
N SER A 33 6.51 -2.66 -0.31
CA SER A 33 7.03 -1.31 -0.11
C SER A 33 6.48 -0.34 -1.15
N GLU A 34 6.20 -0.87 -2.34
CA GLU A 34 5.67 -0.06 -3.43
C GLU A 34 4.44 0.72 -2.98
N CYS A 35 3.46 0.00 -2.43
CA CYS A 35 2.23 0.63 -1.95
C CYS A 35 2.53 1.72 -0.93
N CYS A 36 3.56 1.50 -0.11
CA CYS A 36 3.95 2.46 0.91
C CYS A 36 4.48 3.74 0.27
N GLU A 37 4.83 3.65 -1.02
CA GLU A 37 5.35 4.80 -1.75
C GLU A 37 4.24 5.83 -2.00
N SER A 38 4.59 6.89 -2.72
CA SER A 38 3.64 7.94 -3.04
C SER A 38 2.28 7.36 -3.41
N ASP A 39 1.23 8.14 -3.24
CA ASP A 39 -0.12 7.70 -3.56
C ASP A 39 -0.19 7.13 -4.96
N TYR A 40 0.70 7.59 -5.83
CA TYR A 40 0.75 7.12 -7.20
C TYR A 40 0.74 5.59 -7.27
N ARG A 41 1.51 4.97 -6.39
CA ARG A 41 1.58 3.51 -6.34
C ARG A 41 0.45 2.94 -5.49
N TYR A 42 0.13 3.63 -4.40
CA TYR A 42 -0.92 3.18 -3.50
C TYR A 42 -2.21 2.90 -4.27
N HIS A 43 -2.57 3.81 -5.16
CA HIS A 43 -3.78 3.67 -5.96
C HIS A 43 -3.62 2.52 -6.97
N ARG A 44 -2.40 2.32 -7.44
CA ARG A 44 -2.12 1.26 -8.40
C ARG A 44 -2.32 -0.12 -7.78
N CYS A 45 -1.97 -0.24 -6.51
CA CYS A 45 -2.11 -1.50 -5.79
C CYS A 45 -3.58 -1.83 -5.55
N LEU A 46 -4.38 -0.79 -5.34
CA LEU A 46 -5.81 -0.96 -5.09
C LEU A 46 -6.49 -1.64 -6.28
N ASP A 47 -5.97 -1.38 -7.48
CA ASP A 47 -6.52 -1.96 -8.69
C ASP A 47 -6.59 -3.48 -8.59
N LEU A 48 -5.54 -4.08 -8.03
CA LEU A 48 -5.48 -5.52 -7.86
C LEU A 48 -6.39 -5.98 -6.73
N LEU A 49 -6.49 -5.17 -5.69
CA LEU A 49 -7.32 -5.48 -4.53
C LEU A 49 -8.79 -5.23 -4.84
N ARG A 50 -9.06 -4.72 -6.04
CA ARG A 50 -10.43 -4.43 -6.45
C ARG A 50 -11.33 -5.65 -6.27
N ASN A 51 -10.75 -6.84 -6.48
CA ASN A 51 -11.50 -8.08 -6.34
C ASN A 51 -11.30 -8.68 -4.95
N PHE A 52 -11.11 -7.81 -3.96
CA PHE A 52 -10.90 -8.26 -2.59
C PHE A 52 -12.14 -7.99 -1.74
N THR A 1 0.15 17.56 12.19
CA THR A 1 -0.11 18.16 10.89
C THR A 1 0.74 17.51 9.81
N ASP A 2 1.87 16.93 10.21
CA ASP A 2 2.77 16.26 9.29
C ASP A 2 3.05 14.84 9.73
N ASP A 3 2.07 13.96 9.55
CA ASP A 3 2.22 12.56 9.94
C ASP A 3 2.51 11.70 8.72
N GLU A 4 1.85 12.00 7.61
CA GLU A 4 2.04 11.25 6.38
C GLU A 4 3.49 11.33 5.90
N SER A 5 4.22 12.32 6.41
CA SER A 5 5.61 12.51 6.04
C SER A 5 6.47 11.38 6.57
N SER A 6 5.90 10.57 7.47
CA SER A 6 6.62 9.44 8.05
C SER A 6 6.27 8.15 7.33
N ASN A 7 4.99 7.79 7.33
CA ASN A 7 4.53 6.57 6.68
C ASN A 7 3.01 6.56 6.57
N LYS A 8 2.52 6.58 5.33
CA LYS A 8 1.08 6.57 5.08
C LYS A 8 0.45 5.27 5.54
N CYS A 9 1.26 4.21 5.59
CA CYS A 9 0.79 2.90 6.02
C CYS A 9 0.38 2.92 7.49
N ALA A 10 0.95 3.87 8.24
CA ALA A 10 0.65 4.00 9.66
C ALA A 10 -0.49 4.98 9.89
N LYS A 11 -0.82 5.75 8.85
CA LYS A 11 -1.90 6.73 8.94
C LYS A 11 -3.26 6.04 8.97
N THR A 12 -3.31 4.81 8.47
CA THR A 12 -4.55 4.04 8.44
C THR A 12 -4.27 2.55 8.28
N LYS A 13 -5.09 1.73 8.94
CA LYS A 13 -4.93 0.29 8.86
C LYS A 13 -5.09 -0.21 7.42
N ARG A 14 -6.12 0.28 6.75
CA ARG A 14 -6.37 -0.11 5.36
C ARG A 14 -5.12 0.06 4.51
N ARG A 15 -4.40 1.14 4.73
CA ARG A 15 -3.18 1.42 3.99
C ARG A 15 -2.13 0.34 4.23
N GLU A 16 -1.92 0.00 5.50
CA GLU A 16 -0.95 -1.02 5.87
C GLU A 16 -1.37 -2.39 5.33
N ASN A 17 -2.68 -2.62 5.27
CA ASN A 17 -3.20 -3.89 4.78
C ASN A 17 -3.07 -3.98 3.26
N VAL A 18 -3.39 -2.88 2.58
CA VAL A 18 -3.31 -2.84 1.13
C VAL A 18 -1.90 -3.16 0.65
N CYS A 19 -0.91 -2.70 1.40
CA CYS A 19 0.49 -2.94 1.05
C CYS A 19 0.88 -4.39 1.28
N ARG A 20 0.43 -4.94 2.41
CA ARG A 20 0.72 -6.32 2.75
C ARG A 20 0.02 -7.29 1.80
N VAL A 21 -1.23 -6.97 1.46
CA VAL A 21 -2.01 -7.80 0.54
C VAL A 21 -1.53 -7.63 -0.90
N CYS A 22 -1.08 -6.44 -1.23
CA CYS A 22 -0.60 -6.14 -2.58
C CYS A 22 0.58 -7.05 -2.94
N GLY A 23 1.42 -7.35 -1.95
CA GLY A 23 2.56 -8.21 -2.18
C GLY A 23 2.18 -9.66 -2.37
N ASN A 24 1.19 -10.11 -1.61
CA ASN A 24 0.72 -11.49 -1.69
C ASN A 24 0.00 -11.74 -3.01
N ARG A 25 -0.89 -10.81 -3.38
CA ARG A 25 -1.64 -10.94 -4.62
C ARG A 25 -0.70 -11.00 -5.83
N SER A 26 0.13 -9.97 -5.97
CA SER A 26 1.07 -9.90 -7.08
C SER A 26 2.13 -11.00 -6.96
N GLY A 27 2.43 -11.39 -5.73
CA GLY A 27 3.43 -12.42 -5.50
C GLY A 27 4.84 -11.87 -5.49
N ASN A 28 4.99 -10.64 -5.03
CA ASN A 28 6.30 -10.00 -4.98
C ASN A 28 6.51 -9.32 -3.64
N ASP A 29 7.50 -9.79 -2.88
CA ASP A 29 7.82 -9.23 -1.57
C ASP A 29 8.16 -7.75 -1.69
N GLU A 30 8.57 -7.33 -2.89
CA GLU A 30 8.93 -5.94 -3.14
C GLU A 30 7.70 -5.07 -3.26
N TYR A 31 6.65 -5.61 -3.87
CA TYR A 31 5.41 -4.88 -4.06
C TYR A 31 4.91 -4.29 -2.74
N TYR A 32 5.25 -4.96 -1.64
CA TYR A 32 4.84 -4.50 -0.32
C TYR A 32 5.30 -3.07 -0.06
N SER A 33 6.58 -2.82 -0.32
CA SER A 33 7.15 -1.50 -0.11
C SER A 33 6.66 -0.52 -1.17
N GLU A 34 6.37 -1.05 -2.35
CA GLU A 34 5.88 -0.21 -3.46
C GLU A 34 4.63 0.57 -3.04
N CYS A 35 3.68 -0.13 -2.44
CA CYS A 35 2.44 0.49 -1.99
C CYS A 35 2.73 1.61 -1.00
N CYS A 36 3.65 1.37 -0.08
CA CYS A 36 4.02 2.37 0.91
C CYS A 36 4.54 3.64 0.26
N GLU A 37 5.01 3.51 -0.98
CA GLU A 37 5.53 4.65 -1.73
C GLU A 37 4.43 5.69 -1.98
N SER A 38 4.78 6.74 -2.73
CA SER A 38 3.83 7.79 -3.03
C SER A 38 2.46 7.21 -3.39
N ASP A 39 1.41 8.01 -3.20
CA ASP A 39 0.06 7.58 -3.50
C ASP A 39 -0.03 7.04 -4.92
N TYR A 40 0.87 7.49 -5.79
CA TYR A 40 0.89 7.05 -7.17
C TYR A 40 0.84 5.53 -7.27
N ARG A 41 1.60 4.86 -6.40
CA ARG A 41 1.65 3.40 -6.39
C ARG A 41 0.52 2.84 -5.54
N TYR A 42 0.23 3.51 -4.43
CA TYR A 42 -0.83 3.07 -3.52
C TYR A 42 -2.13 2.84 -4.28
N HIS A 43 -2.47 3.76 -5.17
CA HIS A 43 -3.68 3.66 -5.96
C HIS A 43 -3.58 2.52 -6.98
N ARG A 44 -2.36 2.27 -7.45
CA ARG A 44 -2.12 1.21 -8.42
C ARG A 44 -2.38 -0.16 -7.81
N CYS A 45 -2.07 -0.28 -6.52
CA CYS A 45 -2.26 -1.55 -5.81
C CYS A 45 -3.75 -1.84 -5.61
N LEU A 46 -4.52 -0.80 -5.35
CA LEU A 46 -5.96 -0.95 -5.14
C LEU A 46 -6.62 -1.60 -6.34
N ASP A 47 -6.06 -1.35 -7.53
CA ASP A 47 -6.60 -1.92 -8.76
C ASP A 47 -6.72 -3.43 -8.66
N LEU A 48 -5.69 -4.07 -8.12
CA LEU A 48 -5.67 -5.51 -7.95
C LEU A 48 -6.56 -5.95 -6.80
N LEU A 49 -6.67 -5.08 -5.79
CA LEU A 49 -7.49 -5.38 -4.62
C LEU A 49 -8.96 -5.13 -4.91
N ARG A 50 -9.25 -4.70 -6.14
CA ARG A 50 -10.62 -4.43 -6.56
C ARG A 50 -11.50 -5.65 -6.32
N ASN A 51 -10.92 -6.83 -6.46
CA ASN A 51 -11.65 -8.09 -6.27
C ASN A 51 -12.08 -8.25 -4.82
N PHE A 52 -11.38 -7.56 -3.91
CA PHE A 52 -11.69 -7.62 -2.49
C PHE A 52 -13.13 -7.20 -2.23
N THR A 1 3.79 20.46 7.79
CA THR A 1 2.85 19.45 8.28
C THR A 1 3.45 18.05 8.18
N ASP A 2 3.77 17.48 9.34
CA ASP A 2 4.35 16.15 9.38
C ASP A 2 3.31 15.11 9.83
N ASP A 3 2.80 14.35 8.87
CA ASP A 3 1.80 13.33 9.16
C ASP A 3 2.06 12.07 8.34
N GLU A 4 1.71 12.13 7.06
CA GLU A 4 1.89 10.99 6.17
C GLU A 4 3.35 10.89 5.71
N SER A 5 4.07 12.00 5.81
CA SER A 5 5.47 12.04 5.41
C SER A 5 6.27 10.93 6.10
N SER A 6 5.77 10.47 7.24
CA SER A 6 6.43 9.41 8.00
C SER A 6 6.07 8.04 7.43
N ASN A 7 4.78 7.71 7.45
CA ASN A 7 4.31 6.42 6.93
C ASN A 7 2.80 6.41 6.81
N LYS A 8 2.31 6.44 5.57
CA LYS A 8 0.88 6.43 5.31
C LYS A 8 0.25 5.11 5.76
N CYS A 9 1.07 4.06 5.82
CA CYS A 9 0.59 2.75 6.24
C CYS A 9 0.19 2.76 7.71
N ALA A 10 0.77 3.67 8.47
CA ALA A 10 0.48 3.79 9.89
C ALA A 10 -0.67 4.77 10.14
N LYS A 11 -1.01 5.54 9.11
CA LYS A 11 -2.09 6.52 9.21
C LYS A 11 -3.44 5.82 9.23
N THR A 12 -3.49 4.60 8.71
CA THR A 12 -4.73 3.82 8.66
C THR A 12 -4.45 2.34 8.46
N LYS A 13 -5.28 1.50 9.07
CA LYS A 13 -5.12 0.06 8.95
C LYS A 13 -5.27 -0.39 7.50
N ARG A 14 -6.30 0.11 6.83
CA ARG A 14 -6.56 -0.24 5.45
C ARG A 14 -5.31 -0.05 4.59
N ARG A 15 -4.60 1.05 4.84
CA ARG A 15 -3.38 1.35 4.09
C ARG A 15 -2.32 0.28 4.31
N GLU A 16 -2.14 -0.12 5.56
CA GLU A 16 -1.15 -1.15 5.89
C GLU A 16 -1.56 -2.50 5.33
N ASN A 17 -2.87 -2.74 5.26
CA ASN A 17 -3.39 -3.99 4.73
C ASN A 17 -3.25 -4.04 3.21
N VAL A 18 -3.53 -2.91 2.56
CA VAL A 18 -3.43 -2.83 1.11
C VAL A 18 -2.03 -3.19 0.62
N CYS A 19 -1.03 -2.79 1.40
CA CYS A 19 0.36 -3.07 1.05
C CYS A 19 0.69 -4.54 1.27
N ARG A 20 0.21 -5.09 2.38
CA ARG A 20 0.46 -6.49 2.70
C ARG A 20 -0.25 -7.42 1.72
N VAL A 21 -1.47 -7.04 1.34
CA VAL A 21 -2.26 -7.83 0.41
C VAL A 21 -1.75 -7.66 -1.02
N CYS A 22 -1.25 -6.47 -1.32
CA CYS A 22 -0.72 -6.17 -2.66
C CYS A 22 0.43 -7.10 -3.01
N GLY A 23 1.39 -7.21 -2.08
CA GLY A 23 2.54 -8.07 -2.30
C GLY A 23 2.16 -9.52 -2.51
N ASN A 24 1.16 -9.97 -1.75
CA ASN A 24 0.70 -11.36 -1.84
C ASN A 24 -0.02 -11.60 -3.18
N ARG A 25 -0.90 -10.68 -3.54
CA ARG A 25 -1.65 -10.79 -4.78
C ARG A 25 -0.70 -10.85 -5.98
N SER A 26 0.14 -9.82 -6.12
CA SER A 26 1.08 -9.75 -7.22
C SER A 26 2.13 -10.84 -7.12
N GLY A 27 2.46 -11.22 -5.87
CA GLY A 27 3.44 -12.26 -5.65
C GLY A 27 4.86 -11.71 -5.60
N ASN A 28 5.00 -10.49 -5.10
CA ASN A 28 6.31 -9.85 -5.00
C ASN A 28 6.48 -9.19 -3.63
N ASP A 29 7.45 -9.68 -2.87
CA ASP A 29 7.72 -9.14 -1.54
C ASP A 29 8.08 -7.66 -1.63
N GLU A 30 8.51 -7.22 -2.80
CA GLU A 30 8.88 -5.82 -3.02
C GLU A 30 7.64 -4.95 -3.16
N TYR A 31 6.61 -5.48 -3.80
CA TYR A 31 5.37 -4.74 -4.00
C TYR A 31 4.85 -4.17 -2.68
N TYR A 32 5.15 -4.87 -1.59
CA TYR A 32 4.72 -4.44 -0.27
C TYR A 32 5.18 -3.01 0.03
N SER A 33 6.46 -2.74 -0.22
CA SER A 33 7.02 -1.43 0.02
C SER A 33 6.49 -0.42 -1.00
N GLU A 34 6.19 -0.90 -2.20
CA GLU A 34 5.69 -0.04 -3.27
C GLU A 34 4.43 0.70 -2.80
N CYS A 35 3.47 -0.04 -2.27
CA CYS A 35 2.22 0.55 -1.80
C CYS A 35 2.50 1.62 -0.74
N CYS A 36 3.50 1.36 0.10
CA CYS A 36 3.86 2.31 1.15
C CYS A 36 4.41 3.61 0.57
N GLU A 37 4.75 3.57 -0.72
CA GLU A 37 5.28 4.75 -1.40
C GLU A 37 4.18 5.78 -1.63
N SER A 38 4.53 6.85 -2.34
CA SER A 38 3.57 7.91 -2.63
C SER A 38 2.22 7.33 -3.01
N ASP A 39 1.15 8.12 -2.79
CA ASP A 39 -0.20 7.68 -3.12
C ASP A 39 -0.26 7.15 -4.55
N TYR A 40 0.63 7.62 -5.40
CA TYR A 40 0.67 7.19 -6.79
C TYR A 40 0.64 5.67 -6.90
N ARG A 41 1.51 5.01 -6.13
CA ARG A 41 1.59 3.55 -6.13
C ARG A 41 0.44 2.95 -5.32
N TYR A 42 0.11 3.59 -4.21
CA TYR A 42 -0.96 3.11 -3.34
C TYR A 42 -2.24 2.89 -4.13
N HIS A 43 -2.54 3.82 -5.03
CA HIS A 43 -3.74 3.72 -5.86
C HIS A 43 -3.61 2.61 -6.88
N ARG A 44 -2.39 2.41 -7.38
CA ARG A 44 -2.12 1.37 -8.37
C ARG A 44 -2.35 -0.02 -7.78
N CYS A 45 -2.07 -0.15 -6.48
CA CYS A 45 -2.24 -1.43 -5.80
C CYS A 45 -3.72 -1.75 -5.61
N LEU A 46 -4.51 -0.72 -5.33
CA LEU A 46 -5.95 -0.89 -5.13
C LEU A 46 -6.60 -1.53 -6.36
N ASP A 47 -6.05 -1.24 -7.54
CA ASP A 47 -6.57 -1.80 -8.78
C ASP A 47 -6.65 -3.31 -8.71
N LEU A 48 -5.61 -3.92 -8.14
CA LEU A 48 -5.56 -5.38 -8.01
C LEU A 48 -6.49 -5.86 -6.91
N LEU A 49 -6.61 -5.07 -5.85
CA LEU A 49 -7.45 -5.41 -4.72
C LEU A 49 -8.92 -5.16 -5.05
N ARG A 50 -9.17 -4.62 -6.24
CA ARG A 50 -10.54 -4.32 -6.68
C ARG A 50 -11.42 -5.56 -6.56
N ASN A 51 -10.88 -6.71 -6.94
CA ASN A 51 -11.62 -7.95 -6.88
C ASN A 51 -11.38 -8.67 -5.56
N PHE A 52 -10.84 -7.93 -4.58
CA PHE A 52 -10.56 -8.50 -3.26
C PHE A 52 -11.47 -7.88 -2.21
N THR A 1 6.78 13.94 14.24
CA THR A 1 5.67 14.20 13.31
C THR A 1 4.93 12.91 12.99
N ASP A 2 3.60 13.00 12.90
CA ASP A 2 2.77 11.84 12.60
C ASP A 2 1.92 12.10 11.36
N ASP A 3 2.39 12.97 10.48
CA ASP A 3 1.68 13.31 9.27
C ASP A 3 2.03 12.35 8.13
N GLU A 4 1.42 12.56 6.98
CA GLU A 4 1.67 11.70 5.82
C GLU A 4 3.13 11.77 5.40
N SER A 5 3.82 12.81 5.85
CA SER A 5 5.23 13.00 5.52
C SER A 5 6.08 11.87 6.12
N SER A 6 5.49 11.14 7.07
CA SER A 6 6.19 10.04 7.72
C SER A 6 5.88 8.71 7.05
N ASN A 7 4.59 8.36 7.03
CA ASN A 7 4.16 7.11 6.42
C ASN A 7 2.65 7.07 6.25
N LYS A 8 2.18 7.12 5.01
CA LYS A 8 0.75 7.10 4.72
C LYS A 8 0.13 5.79 5.19
N CYS A 9 0.94 4.75 5.28
CA CYS A 9 0.47 3.45 5.72
C CYS A 9 -0.05 3.51 7.16
N ALA A 10 0.52 4.41 7.95
CA ALA A 10 0.12 4.57 9.34
C ALA A 10 -1.01 5.59 9.46
N LYS A 11 -1.21 6.38 8.42
CA LYS A 11 -2.26 7.40 8.41
C LYS A 11 -3.63 6.76 8.30
N THR A 12 -3.66 5.48 7.93
CA THR A 12 -4.93 4.75 7.79
C THR A 12 -4.70 3.25 7.84
N LYS A 13 -5.67 2.52 8.37
CA LYS A 13 -5.58 1.07 8.47
C LYS A 13 -5.61 0.43 7.10
N ARG A 14 -6.58 0.85 6.28
CA ARG A 14 -6.72 0.31 4.93
C ARG A 14 -5.43 0.48 4.14
N ARG A 15 -4.77 1.62 4.33
CA ARG A 15 -3.52 1.92 3.63
C ARG A 15 -2.45 0.87 3.97
N GLU A 16 -2.34 0.54 5.25
CA GLU A 16 -1.36 -0.43 5.70
C GLU A 16 -1.69 -1.83 5.18
N ASN A 17 -2.99 -2.14 5.14
CA ASN A 17 -3.44 -3.45 4.65
C ASN A 17 -3.25 -3.56 3.15
N VAL A 18 -3.54 -2.48 2.44
CA VAL A 18 -3.41 -2.46 0.99
C VAL A 18 -1.98 -2.79 0.56
N CYS A 19 -1.02 -2.38 1.38
CA CYS A 19 0.39 -2.63 1.09
C CYS A 19 0.75 -4.10 1.34
N ARG A 20 0.25 -4.64 2.45
CA ARG A 20 0.51 -6.03 2.81
C ARG A 20 -0.18 -6.98 1.83
N VAL A 21 -1.45 -6.68 1.53
CA VAL A 21 -2.22 -7.51 0.61
C VAL A 21 -1.68 -7.42 -0.81
N CYS A 22 -1.20 -6.23 -1.17
CA CYS A 22 -0.66 -6.00 -2.50
C CYS A 22 0.54 -6.91 -2.77
N GLY A 23 1.39 -7.06 -1.77
CA GLY A 23 2.57 -7.91 -1.91
C GLY A 23 2.20 -9.38 -2.06
N ASN A 24 1.22 -9.83 -1.29
CA ASN A 24 0.77 -11.21 -1.34
C ASN A 24 0.08 -11.51 -2.67
N ARG A 25 -0.82 -10.62 -3.07
CA ARG A 25 -1.57 -10.79 -4.31
C ARG A 25 -0.60 -10.88 -5.51
N SER A 26 0.22 -9.85 -5.68
CA SER A 26 1.17 -9.81 -6.78
C SER A 26 2.23 -10.90 -6.61
N GLY A 27 2.57 -11.21 -5.36
CA GLY A 27 3.56 -12.23 -5.08
C GLY A 27 4.97 -11.66 -5.07
N ASN A 28 5.10 -10.42 -4.64
CA ASN A 28 6.41 -9.76 -4.58
C ASN A 28 6.58 -9.03 -3.25
N ASP A 29 7.56 -9.47 -2.46
CA ASP A 29 7.83 -8.86 -1.18
C ASP A 29 8.17 -7.37 -1.34
N GLU A 30 8.58 -6.99 -2.54
CA GLU A 30 8.93 -5.60 -2.82
C GLU A 30 7.67 -4.76 -3.01
N TYR A 31 6.66 -5.35 -3.64
CA TYR A 31 5.41 -4.65 -3.89
C TYR A 31 4.86 -4.04 -2.60
N TYR A 32 5.18 -4.65 -1.47
CA TYR A 32 4.72 -4.18 -0.18
C TYR A 32 5.13 -2.72 0.04
N SER A 33 6.41 -2.43 -0.20
CA SER A 33 6.93 -1.09 -0.02
C SER A 33 6.40 -0.16 -1.12
N GLU A 34 6.15 -0.72 -2.29
CA GLU A 34 5.65 0.06 -3.42
C GLU A 34 4.41 0.84 -3.02
N CYS A 35 3.43 0.15 -2.44
CA CYS A 35 2.19 0.79 -2.01
C CYS A 35 2.47 1.93 -1.05
N CYS A 36 3.45 1.75 -0.18
CA CYS A 36 3.82 2.78 0.79
C CYS A 36 4.36 4.02 0.09
N GLU A 37 4.73 3.87 -1.18
CA GLU A 37 5.26 4.97 -1.96
C GLU A 37 4.16 5.98 -2.32
N SER A 38 4.52 6.98 -3.10
CA SER A 38 3.56 8.01 -3.51
C SER A 38 2.21 7.38 -3.87
N ASP A 39 1.15 8.17 -3.77
CA ASP A 39 -0.19 7.70 -4.08
C ASP A 39 -0.22 7.05 -5.46
N TYR A 40 0.68 7.47 -6.33
CA TYR A 40 0.76 6.93 -7.68
C TYR A 40 0.77 5.40 -7.66
N ARG A 41 1.52 4.84 -6.73
CA ARG A 41 1.61 3.39 -6.60
C ARG A 41 0.47 2.84 -5.74
N TYR A 42 0.14 3.55 -4.68
CA TYR A 42 -0.93 3.14 -3.78
C TYR A 42 -2.21 2.86 -4.55
N HIS A 43 -2.54 3.76 -5.48
CA HIS A 43 -3.74 3.60 -6.30
C HIS A 43 -3.62 2.42 -7.25
N ARG A 44 -2.38 2.13 -7.64
CA ARG A 44 -2.13 1.02 -8.55
C ARG A 44 -2.36 -0.32 -7.87
N CYS A 45 -2.11 -0.36 -6.56
CA CYS A 45 -2.29 -1.57 -5.78
C CYS A 45 -3.77 -1.86 -5.55
N LEU A 46 -4.54 -0.80 -5.35
CA LEU A 46 -5.98 -0.93 -5.12
C LEU A 46 -6.66 -1.64 -6.29
N ASP A 47 -6.12 -1.46 -7.48
CA ASP A 47 -6.67 -2.09 -8.68
C ASP A 47 -6.75 -3.61 -8.49
N LEU A 48 -5.72 -4.19 -7.92
CA LEU A 48 -5.68 -5.63 -7.68
C LEU A 48 -6.59 -6.02 -6.51
N LEU A 49 -6.67 -5.14 -5.53
CA LEU A 49 -7.51 -5.39 -4.36
C LEU A 49 -8.98 -5.15 -4.67
N ARG A 50 -9.25 -4.69 -5.88
CA ARG A 50 -10.62 -4.42 -6.32
C ARG A 50 -11.50 -5.64 -6.11
N ASN A 51 -10.94 -6.82 -6.38
CA ASN A 51 -11.68 -8.07 -6.22
C ASN A 51 -11.37 -8.73 -4.88
N PHE A 52 -10.70 -7.98 -4.01
CA PHE A 52 -10.33 -8.49 -2.69
C PHE A 52 -11.17 -7.82 -1.60
N THR A 1 3.13 15.43 15.75
CA THR A 1 2.08 14.68 15.06
C THR A 1 2.67 13.84 13.92
N ASP A 2 1.91 12.85 13.47
CA ASP A 2 2.35 11.98 12.39
C ASP A 2 1.65 12.35 11.08
N ASP A 3 2.40 12.93 10.17
CA ASP A 3 1.86 13.33 8.86
C ASP A 3 2.30 12.37 7.77
N GLU A 4 1.77 12.57 6.57
CA GLU A 4 2.12 11.72 5.43
C GLU A 4 3.61 11.84 5.10
N SER A 5 4.24 12.89 5.60
CA SER A 5 5.66 13.12 5.36
C SER A 5 6.51 12.00 5.97
N SER A 6 5.90 11.22 6.84
CA SER A 6 6.59 10.11 7.50
C SER A 6 6.26 8.79 6.82
N ASN A 7 4.98 8.43 6.82
CA ASN A 7 4.52 7.19 6.21
C ASN A 7 3.01 7.17 6.07
N LYS A 8 2.53 7.13 4.83
CA LYS A 8 1.10 7.11 4.56
C LYS A 8 0.46 5.83 5.09
N CYS A 9 1.27 4.77 5.21
CA CYS A 9 0.80 3.49 5.71
C CYS A 9 0.36 3.60 7.17
N ALA A 10 0.93 4.56 7.88
CA ALA A 10 0.61 4.77 9.28
C ALA A 10 -0.53 5.79 9.44
N LYS A 11 -0.82 6.51 8.36
CA LYS A 11 -1.88 7.51 8.37
C LYS A 11 -3.25 6.84 8.40
N THR A 12 -3.31 5.58 7.98
CA THR A 12 -4.56 4.83 7.96
C THR A 12 -4.30 3.33 7.90
N LYS A 13 -5.12 2.56 8.62
CA LYS A 13 -4.98 1.11 8.65
C LYS A 13 -5.10 0.53 7.25
N ARG A 14 -6.12 0.98 6.51
CA ARG A 14 -6.35 0.49 5.16
C ARG A 14 -5.09 0.63 4.31
N ARG A 15 -4.38 1.73 4.49
CA ARG A 15 -3.15 1.98 3.74
C ARG A 15 -2.11 0.90 4.04
N GLU A 16 -1.92 0.60 5.31
CA GLU A 16 -0.95 -0.41 5.73
C GLU A 16 -1.37 -1.79 5.25
N ASN A 17 -2.68 -2.02 5.23
CA ASN A 17 -3.22 -3.31 4.80
C ASN A 17 -3.08 -3.48 3.29
N VAL A 18 -3.37 -2.41 2.55
CA VAL A 18 -3.27 -2.44 1.10
C VAL A 18 -1.87 -2.83 0.64
N CYS A 19 -0.87 -2.33 1.35
CA CYS A 19 0.52 -2.62 1.02
C CYS A 19 0.85 -4.09 1.31
N ARG A 20 0.40 -4.57 2.46
CA ARG A 20 0.66 -5.95 2.86
C ARG A 20 -0.03 -6.92 1.91
N VAL A 21 -1.33 -6.71 1.68
CA VAL A 21 -2.11 -7.56 0.80
C VAL A 21 -1.58 -7.49 -0.63
N CYS A 22 -1.12 -6.31 -1.03
CA CYS A 22 -0.59 -6.10 -2.37
C CYS A 22 0.56 -7.06 -2.66
N GLY A 23 1.53 -7.10 -1.74
CA GLY A 23 2.68 -7.97 -1.90
C GLY A 23 2.28 -9.44 -1.97
N ASN A 24 1.29 -9.81 -1.17
CA ASN A 24 0.83 -11.19 -1.13
C ASN A 24 0.12 -11.57 -2.43
N ARG A 25 -0.76 -10.68 -2.90
CA ARG A 25 -1.50 -10.92 -4.13
C ARG A 25 -0.55 -11.08 -5.32
N SER A 26 0.29 -10.07 -5.54
CA SER A 26 1.24 -10.10 -6.64
C SER A 26 2.30 -11.16 -6.40
N GLY A 27 2.55 -11.49 -5.13
CA GLY A 27 3.54 -12.49 -4.80
C GLY A 27 4.95 -11.93 -4.80
N ASN A 28 5.08 -10.66 -4.44
CA ASN A 28 6.39 -10.01 -4.41
C ASN A 28 6.57 -9.22 -3.12
N ASP A 29 7.55 -9.63 -2.31
CA ASP A 29 7.82 -8.97 -1.05
C ASP A 29 8.17 -7.50 -1.27
N GLU A 30 8.58 -7.17 -2.49
CA GLU A 30 8.94 -5.80 -2.83
C GLU A 30 7.70 -4.94 -3.02
N TYR A 31 6.66 -5.54 -3.61
CA TYR A 31 5.41 -4.84 -3.87
C TYR A 31 4.90 -4.16 -2.60
N TYR A 32 5.23 -4.75 -1.46
CA TYR A 32 4.80 -4.21 -0.16
C TYR A 32 5.24 -2.76 -0.01
N SER A 33 6.52 -2.50 -0.28
CA SER A 33 7.08 -1.16 -0.17
C SER A 33 6.53 -0.26 -1.27
N GLU A 34 6.24 -0.85 -2.42
CA GLU A 34 5.71 -0.10 -3.54
C GLU A 34 4.48 0.72 -3.14
N CYS A 35 3.49 0.04 -2.57
CA CYS A 35 2.26 0.70 -2.13
C CYS A 35 2.58 1.87 -1.20
N CYS A 36 3.55 1.66 -0.31
CA CYS A 36 3.94 2.69 0.64
C CYS A 36 4.45 3.93 -0.08
N GLU A 37 4.93 3.74 -1.31
CA GLU A 37 5.44 4.85 -2.10
C GLU A 37 4.35 5.87 -2.40
N SER A 38 4.69 6.88 -3.19
CA SER A 38 3.73 7.92 -3.54
C SER A 38 2.38 7.33 -3.88
N ASP A 39 1.33 8.12 -3.74
CA ASP A 39 -0.03 7.67 -4.03
C ASP A 39 -0.10 7.03 -5.41
N TYR A 40 0.79 7.45 -6.31
CA TYR A 40 0.83 6.92 -7.66
C TYR A 40 0.82 5.40 -7.66
N ARG A 41 1.59 4.81 -6.75
CA ARG A 41 1.66 3.36 -6.64
C ARG A 41 0.54 2.82 -5.76
N TYR A 42 0.22 3.56 -4.70
CA TYR A 42 -0.84 3.16 -3.78
C TYR A 42 -2.13 2.83 -4.53
N HIS A 43 -2.51 3.72 -5.45
CA HIS A 43 -3.71 3.53 -6.25
C HIS A 43 -3.56 2.35 -7.20
N ARG A 44 -2.33 2.11 -7.65
CA ARG A 44 -2.05 1.03 -8.57
C ARG A 44 -2.25 -0.33 -7.89
N CYS A 45 -1.93 -0.40 -6.60
CA CYS A 45 -2.08 -1.62 -5.84
C CYS A 45 -3.55 -1.94 -5.60
N LEU A 46 -4.35 -0.89 -5.41
CA LEU A 46 -5.78 -1.07 -5.16
C LEU A 46 -6.45 -1.80 -6.33
N ASP A 47 -5.91 -1.58 -7.54
CA ASP A 47 -6.46 -2.21 -8.73
C ASP A 47 -6.52 -3.73 -8.56
N LEU A 48 -5.48 -4.30 -7.97
CA LEU A 48 -5.41 -5.73 -7.75
C LEU A 48 -6.31 -6.15 -6.59
N LEU A 49 -6.42 -5.28 -5.59
CA LEU A 49 -7.26 -5.56 -4.43
C LEU A 49 -8.73 -5.33 -4.75
N ARG A 50 -9.01 -4.88 -5.96
CA ARG A 50 -10.37 -4.62 -6.40
C ARG A 50 -11.25 -5.85 -6.19
N ASN A 51 -10.70 -7.02 -6.49
CA ASN A 51 -11.44 -8.27 -6.33
C ASN A 51 -11.21 -8.86 -4.94
N PHE A 52 -10.64 -8.06 -4.05
CA PHE A 52 -10.38 -8.51 -2.69
C PHE A 52 -11.18 -7.68 -1.68
N THR A 1 3.10 14.31 16.83
CA THR A 1 2.56 14.82 15.57
C THR A 1 2.95 13.93 14.40
N ASP A 2 1.97 13.28 13.80
CA ASP A 2 2.22 12.39 12.67
C ASP A 2 1.61 12.97 11.39
N ASP A 3 2.36 12.88 10.29
CA ASP A 3 1.89 13.38 9.01
C ASP A 3 2.29 12.45 7.88
N GLU A 4 1.70 12.66 6.70
CA GLU A 4 1.99 11.83 5.54
C GLU A 4 3.46 11.93 5.15
N SER A 5 4.13 12.97 5.64
CA SER A 5 5.54 13.17 5.34
C SER A 5 6.40 12.05 5.94
N SER A 6 5.80 11.28 6.84
CA SER A 6 6.50 10.18 7.49
C SER A 6 6.19 8.86 6.80
N ASN A 7 4.90 8.49 6.80
CA ASN A 7 4.45 7.25 6.17
C ASN A 7 2.93 7.23 6.04
N LYS A 8 2.47 7.21 4.79
CA LYS A 8 1.04 7.18 4.51
C LYS A 8 0.40 5.90 5.04
N CYS A 9 1.22 4.86 5.17
CA CYS A 9 0.73 3.57 5.66
C CYS A 9 0.28 3.69 7.12
N ALA A 10 0.85 4.63 7.84
CA ALA A 10 0.51 4.84 9.24
C ALA A 10 -0.62 5.88 9.37
N LYS A 11 -0.89 6.60 8.29
CA LYS A 11 -1.93 7.62 8.29
C LYS A 11 -3.31 6.97 8.30
N THR A 12 -3.36 5.69 7.96
CA THR A 12 -4.63 4.96 7.93
C THR A 12 -4.39 3.45 7.96
N LYS A 13 -5.33 2.72 8.54
CA LYS A 13 -5.24 1.27 8.62
C LYS A 13 -5.32 0.62 7.25
N ARG A 14 -6.34 1.01 6.49
CA ARG A 14 -6.54 0.48 5.14
C ARG A 14 -5.28 0.65 4.30
N ARG A 15 -4.58 1.76 4.49
CA ARG A 15 -3.37 2.04 3.75
C ARG A 15 -2.30 0.98 4.03
N GLU A 16 -2.09 0.70 5.32
CA GLU A 16 -1.10 -0.30 5.72
C GLU A 16 -1.50 -1.69 5.25
N ASN A 17 -2.80 -1.95 5.25
CA ASN A 17 -3.32 -3.26 4.82
C ASN A 17 -3.17 -3.43 3.31
N VAL A 18 -3.48 -2.36 2.57
CA VAL A 18 -3.39 -2.40 1.12
C VAL A 18 -1.98 -2.75 0.66
N CYS A 19 -0.99 -2.29 1.42
CA CYS A 19 0.40 -2.56 1.09
C CYS A 19 0.77 -4.01 1.41
N ARG A 20 0.31 -4.48 2.57
CA ARG A 20 0.60 -5.85 3.00
C ARG A 20 -0.11 -6.86 2.09
N VAL A 21 -1.37 -6.57 1.76
CA VAL A 21 -2.15 -7.44 0.91
C VAL A 21 -1.65 -7.39 -0.53
N CYS A 22 -1.19 -6.22 -0.95
CA CYS A 22 -0.68 -6.03 -2.31
C CYS A 22 0.49 -6.96 -2.58
N GLY A 23 1.49 -6.91 -1.71
CA GLY A 23 2.66 -7.75 -1.87
C GLY A 23 2.32 -9.22 -1.94
N ASN A 24 1.37 -9.64 -1.11
CA ASN A 24 0.95 -11.04 -1.08
C ASN A 24 0.21 -11.42 -2.36
N ARG A 25 -0.72 -10.56 -2.78
CA ARG A 25 -1.49 -10.80 -3.99
C ARG A 25 -0.57 -11.02 -5.19
N SER A 26 0.30 -10.05 -5.44
CA SER A 26 1.23 -10.12 -6.57
C SER A 26 2.29 -11.20 -6.32
N GLY A 27 2.53 -11.49 -5.05
CA GLY A 27 3.52 -12.51 -4.70
C GLY A 27 4.92 -11.95 -4.68
N ASN A 28 5.05 -10.64 -4.53
CA ASN A 28 6.35 -9.99 -4.49
C ASN A 28 6.53 -9.20 -3.20
N ASP A 29 7.51 -9.60 -2.40
CA ASP A 29 7.80 -8.94 -1.14
C ASP A 29 8.13 -7.46 -1.36
N GLU A 30 8.55 -7.13 -2.58
CA GLU A 30 8.89 -5.76 -2.92
C GLU A 30 7.64 -4.92 -3.14
N TYR A 31 6.62 -5.54 -3.74
CA TYR A 31 5.36 -4.84 -4.01
C TYR A 31 4.84 -4.17 -2.74
N TYR A 32 5.15 -4.76 -1.59
CA TYR A 32 4.70 -4.20 -0.32
C TYR A 32 5.14 -2.76 -0.15
N SER A 33 6.43 -2.51 -0.37
CA SER A 33 6.98 -1.17 -0.24
C SER A 33 6.45 -0.26 -1.34
N GLU A 34 6.14 -0.84 -2.50
CA GLU A 34 5.63 -0.08 -3.63
C GLU A 34 4.40 0.72 -3.22
N CYS A 35 3.45 0.05 -2.57
CA CYS A 35 2.22 0.70 -2.13
C CYS A 35 2.53 1.88 -1.21
N CYS A 36 3.47 1.69 -0.31
CA CYS A 36 3.87 2.73 0.63
C CYS A 36 4.37 3.97 -0.11
N GLU A 37 4.84 3.77 -1.34
CA GLU A 37 5.34 4.86 -2.15
C GLU A 37 4.23 5.88 -2.44
N SER A 38 4.55 6.88 -3.25
CA SER A 38 3.59 7.93 -3.60
C SER A 38 2.22 7.32 -3.86
N ASP A 39 1.18 8.13 -3.66
CA ASP A 39 -0.19 7.68 -3.89
C ASP A 39 -0.34 7.02 -5.26
N TYR A 40 0.53 7.42 -6.19
CA TYR A 40 0.49 6.88 -7.54
C TYR A 40 0.44 5.36 -7.52
N ARG A 41 1.35 4.75 -6.75
CA ARG A 41 1.40 3.31 -6.64
C ARG A 41 0.30 2.78 -5.73
N TYR A 42 0.01 3.52 -4.67
CA TYR A 42 -1.02 3.13 -3.72
C TYR A 42 -2.33 2.82 -4.45
N HIS A 43 -2.70 3.67 -5.40
CA HIS A 43 -3.92 3.48 -6.16
C HIS A 43 -3.80 2.29 -7.11
N ARG A 44 -2.60 2.10 -7.65
CA ARG A 44 -2.34 1.00 -8.58
C ARG A 44 -2.50 -0.35 -7.88
N CYS A 45 -2.16 -0.38 -6.59
CA CYS A 45 -2.25 -1.60 -5.81
C CYS A 45 -3.71 -1.97 -5.55
N LEU A 46 -4.53 -0.94 -5.32
CA LEU A 46 -5.95 -1.14 -5.06
C LEU A 46 -6.62 -1.90 -6.21
N ASP A 47 -6.12 -1.67 -7.42
CA ASP A 47 -6.68 -2.32 -8.60
C ASP A 47 -6.68 -3.84 -8.43
N LEU A 48 -5.61 -4.37 -7.86
CA LEU A 48 -5.50 -5.81 -7.64
C LEU A 48 -6.37 -6.25 -6.47
N LEU A 49 -6.49 -5.39 -5.46
CA LEU A 49 -7.30 -5.69 -4.29
C LEU A 49 -8.79 -5.50 -4.59
N ARG A 50 -9.08 -5.04 -5.80
CA ARG A 50 -10.46 -4.81 -6.21
C ARG A 50 -11.32 -6.06 -5.98
N ASN A 51 -10.73 -7.22 -6.26
CA ASN A 51 -11.44 -8.48 -6.08
C ASN A 51 -11.11 -9.11 -4.72
N PHE A 52 -10.79 -8.25 -3.76
CA PHE A 52 -10.46 -8.71 -2.41
C PHE A 52 -11.30 -7.98 -1.37
N THR A 1 1.92 18.99 11.66
CA THR A 1 1.76 19.24 10.24
C THR A 1 2.25 18.04 9.41
N ASP A 2 3.19 17.30 9.97
CA ASP A 2 3.74 16.13 9.29
C ASP A 2 3.18 14.84 9.88
N ASP A 3 2.49 14.08 9.03
CA ASP A 3 1.89 12.81 9.47
C ASP A 3 2.19 11.70 8.47
N GLU A 4 1.82 11.94 7.21
CA GLU A 4 2.04 10.95 6.16
C GLU A 4 3.52 10.90 5.76
N SER A 5 4.24 11.97 6.05
CA SER A 5 5.67 12.06 5.72
C SER A 5 6.44 10.92 6.38
N SER A 6 5.86 10.35 7.45
CA SER A 6 6.50 9.26 8.16
C SER A 6 6.15 7.92 7.54
N ASN A 7 4.86 7.60 7.54
CA ASN A 7 4.39 6.34 6.96
C ASN A 7 2.87 6.35 6.83
N LYS A 8 2.40 6.39 5.58
CA LYS A 8 0.97 6.41 5.31
C LYS A 8 0.33 5.08 5.73
N CYS A 9 1.13 4.03 5.76
CA CYS A 9 0.64 2.70 6.16
C CYS A 9 0.23 2.69 7.63
N ALA A 10 0.75 3.64 8.40
CA ALA A 10 0.44 3.73 9.82
C ALA A 10 -0.73 4.68 10.06
N LYS A 11 -1.08 5.46 9.04
CA LYS A 11 -2.18 6.40 9.13
C LYS A 11 -3.52 5.68 9.12
N THR A 12 -3.52 4.45 8.60
CA THR A 12 -4.74 3.65 8.53
C THR A 12 -4.42 2.18 8.34
N LYS A 13 -5.22 1.31 8.95
CA LYS A 13 -5.02 -0.13 8.83
C LYS A 13 -5.15 -0.58 7.38
N ARG A 14 -6.19 -0.10 6.71
CA ARG A 14 -6.43 -0.46 5.31
C ARG A 14 -5.17 -0.23 4.47
N ARG A 15 -4.49 0.88 4.74
CA ARG A 15 -3.27 1.22 4.00
C ARG A 15 -2.20 0.15 4.21
N GLU A 16 -2.00 -0.24 5.47
CA GLU A 16 -1.00 -1.25 5.80
C GLU A 16 -1.38 -2.60 5.23
N ASN A 17 -2.68 -2.87 5.17
CA ASN A 17 -3.18 -4.14 4.63
C ASN A 17 -3.04 -4.19 3.12
N VAL A 18 -3.33 -3.06 2.47
CA VAL A 18 -3.24 -2.98 1.02
C VAL A 18 -1.83 -3.30 0.54
N CYS A 19 -0.83 -2.89 1.32
CA CYS A 19 0.56 -3.14 0.97
C CYS A 19 0.92 -4.60 1.19
N ARG A 20 0.39 -5.19 2.27
CA ARG A 20 0.66 -6.58 2.58
C ARG A 20 -0.04 -7.51 1.59
N VAL A 21 -1.27 -7.18 1.23
CA VAL A 21 -2.04 -7.98 0.28
C VAL A 21 -1.53 -7.79 -1.14
N CYS A 22 -1.05 -6.59 -1.43
CA CYS A 22 -0.52 -6.27 -2.76
C CYS A 22 0.66 -7.17 -3.11
N GLY A 23 1.55 -7.36 -2.14
CA GLY A 23 2.72 -8.19 -2.37
C GLY A 23 2.35 -9.65 -2.56
N ASN A 24 1.36 -10.12 -1.81
CA ASN A 24 0.93 -11.51 -1.90
C ASN A 24 0.22 -11.77 -3.23
N ARG A 25 -0.67 -10.86 -3.61
CA ARG A 25 -1.40 -10.99 -4.86
C ARG A 25 -0.46 -10.99 -6.06
N SER A 26 0.34 -9.93 -6.18
CA SER A 26 1.29 -9.80 -7.28
C SER A 26 2.38 -10.86 -7.17
N GLY A 27 2.67 -11.29 -5.95
CA GLY A 27 3.70 -12.29 -5.74
C GLY A 27 5.09 -11.71 -5.71
N ASN A 28 5.20 -10.47 -5.23
CA ASN A 28 6.50 -9.79 -5.14
C ASN A 28 6.69 -9.15 -3.77
N ASP A 29 7.69 -9.62 -3.04
CA ASP A 29 7.98 -9.09 -1.71
C ASP A 29 8.30 -7.60 -1.78
N GLU A 30 8.71 -7.15 -2.96
CA GLU A 30 9.06 -5.74 -3.16
C GLU A 30 7.80 -4.88 -3.28
N TYR A 31 6.77 -5.44 -3.91
CA TYR A 31 5.51 -4.72 -4.10
C TYR A 31 4.99 -4.19 -2.77
N TYR A 32 5.32 -4.88 -1.69
CA TYR A 32 4.89 -4.48 -0.35
C TYR A 32 5.32 -3.05 -0.05
N SER A 33 6.60 -2.75 -0.29
CA SER A 33 7.14 -1.42 -0.04
C SER A 33 6.59 -0.42 -1.06
N GLU A 34 6.31 -0.90 -2.27
CA GLU A 34 5.80 -0.05 -3.33
C GLU A 34 4.54 0.68 -2.87
N CYS A 35 3.57 -0.08 -2.35
CA CYS A 35 2.32 0.50 -1.88
C CYS A 35 2.58 1.56 -0.82
N CYS A 36 3.58 1.33 0.02
CA CYS A 36 3.93 2.28 1.07
C CYS A 36 4.46 3.58 0.48
N GLU A 37 4.79 3.56 -0.80
CA GLU A 37 5.32 4.74 -1.48
C GLU A 37 4.20 5.75 -1.74
N SER A 38 4.55 6.83 -2.44
CA SER A 38 3.58 7.88 -2.75
C SER A 38 2.24 7.27 -3.16
N ASP A 39 1.17 8.04 -2.98
CA ASP A 39 -0.17 7.58 -3.34
C ASP A 39 -0.19 7.05 -4.77
N TYR A 40 0.71 7.55 -5.60
CA TYR A 40 0.79 7.13 -6.99
C TYR A 40 0.80 5.61 -7.10
N ARG A 41 1.56 4.96 -6.22
CA ARG A 41 1.66 3.51 -6.21
C ARG A 41 0.52 2.89 -5.41
N TYR A 42 0.18 3.53 -4.29
CA TYR A 42 -0.89 3.03 -3.43
C TYR A 42 -2.17 2.79 -4.22
N HIS A 43 -2.51 3.74 -5.08
CA HIS A 43 -3.71 3.62 -5.91
C HIS A 43 -3.54 2.52 -6.95
N ARG A 44 -2.31 2.30 -7.38
CA ARG A 44 -2.01 1.27 -8.38
C ARG A 44 -2.23 -0.12 -7.81
N CYS A 45 -1.97 -0.27 -6.52
CA CYS A 45 -2.14 -1.56 -5.85
C CYS A 45 -3.62 -1.88 -5.67
N LEU A 46 -4.42 -0.86 -5.40
CA LEU A 46 -5.86 -1.03 -5.19
C LEU A 46 -6.50 -1.65 -6.43
N ASP A 47 -5.95 -1.35 -7.60
CA ASP A 47 -6.47 -1.88 -8.85
C ASP A 47 -6.56 -3.40 -8.80
N LEU A 48 -5.50 -4.04 -8.29
CA LEU A 48 -5.46 -5.50 -8.19
C LEU A 48 -6.34 -5.99 -7.04
N LEU A 49 -6.46 -5.16 -6.00
CA LEU A 49 -7.27 -5.51 -4.84
C LEU A 49 -8.76 -5.28 -5.12
N ARG A 50 -9.06 -4.85 -6.34
CA ARG A 50 -10.44 -4.59 -6.74
C ARG A 50 -11.29 -5.84 -6.56
N ASN A 51 -10.65 -7.00 -6.53
CA ASN A 51 -11.35 -8.27 -6.37
C ASN A 51 -11.70 -8.51 -4.91
N PHE A 52 -11.31 -7.57 -4.05
CA PHE A 52 -11.58 -7.68 -2.62
C PHE A 52 -13.08 -7.66 -2.35
N THR A 1 -1.38 16.12 9.05
CA THR A 1 -0.70 16.92 8.05
C THR A 1 0.82 16.80 8.18
N ASP A 2 1.28 16.47 9.38
CA ASP A 2 2.70 16.31 9.64
C ASP A 2 3.02 14.90 10.12
N ASP A 3 2.27 13.92 9.62
CA ASP A 3 2.47 12.53 10.00
C ASP A 3 2.78 11.67 8.78
N GLU A 4 2.18 12.02 7.65
CA GLU A 4 2.39 11.26 6.41
C GLU A 4 3.85 11.31 6.00
N SER A 5 4.60 12.28 6.54
CA SER A 5 6.01 12.43 6.24
C SER A 5 6.82 11.25 6.76
N SER A 6 6.19 10.45 7.61
CA SER A 6 6.85 9.28 8.20
C SER A 6 6.48 8.01 7.44
N ASN A 7 5.19 7.70 7.41
CA ASN A 7 4.71 6.51 6.72
C ASN A 7 3.18 6.56 6.57
N LYS A 8 2.72 6.61 5.32
CA LYS A 8 1.29 6.66 5.04
C LYS A 8 0.61 5.37 5.49
N CYS A 9 1.38 4.29 5.56
CA CYS A 9 0.85 2.99 5.98
C CYS A 9 0.41 3.03 7.44
N ALA A 10 0.99 3.94 8.21
CA ALA A 10 0.66 4.09 9.62
C ALA A 10 -0.45 5.13 9.81
N LYS A 11 -0.71 5.90 8.77
CA LYS A 11 -1.74 6.93 8.83
C LYS A 11 -3.13 6.31 8.82
N THR A 12 -3.21 5.06 8.39
CA THR A 12 -4.49 4.34 8.34
C THR A 12 -4.27 2.83 8.28
N LYS A 13 -5.22 2.09 8.81
CA LYS A 13 -5.15 0.63 8.82
C LYS A 13 -5.25 0.08 7.41
N ARG A 14 -6.24 0.56 6.66
CA ARG A 14 -6.44 0.11 5.28
C ARG A 14 -5.18 0.28 4.45
N ARG A 15 -4.47 1.38 4.69
CA ARG A 15 -3.24 1.67 3.97
C ARG A 15 -2.20 0.58 4.22
N GLU A 16 -2.03 0.19 5.47
CA GLU A 16 -1.07 -0.84 5.84
C GLU A 16 -1.49 -2.20 5.28
N ASN A 17 -2.80 -2.44 5.27
CA ASN A 17 -3.34 -3.71 4.76
C ASN A 17 -3.19 -3.78 3.23
N VAL A 18 -3.47 -2.67 2.57
CA VAL A 18 -3.37 -2.62 1.12
C VAL A 18 -1.97 -2.99 0.64
N CYS A 19 -0.96 -2.60 1.42
CA CYS A 19 0.43 -2.90 1.09
C CYS A 19 0.74 -4.37 1.33
N ARG A 20 0.26 -4.90 2.45
CA ARG A 20 0.50 -6.29 2.80
C ARG A 20 -0.23 -7.22 1.84
N VAL A 21 -1.47 -6.90 1.53
CA VAL A 21 -2.27 -7.70 0.62
C VAL A 21 -1.77 -7.59 -0.81
N CYS A 22 -1.27 -6.40 -1.16
CA CYS A 22 -0.75 -6.15 -2.50
C CYS A 22 0.40 -7.09 -2.82
N GLY A 23 1.34 -7.22 -1.88
CA GLY A 23 2.48 -8.09 -2.08
C GLY A 23 2.08 -9.54 -2.26
N ASN A 24 1.10 -9.99 -1.48
CA ASN A 24 0.62 -11.35 -1.56
C ASN A 24 -0.11 -11.61 -2.87
N ARG A 25 -0.98 -10.69 -3.24
CA ARG A 25 -1.75 -10.80 -4.47
C ARG A 25 -0.83 -10.92 -5.68
N SER A 26 0.04 -9.92 -5.85
CA SER A 26 0.97 -9.91 -6.96
C SER A 26 2.02 -11.01 -6.81
N GLY A 27 2.30 -11.38 -5.56
CA GLY A 27 3.28 -12.42 -5.31
C GLY A 27 4.70 -11.89 -5.31
N ASN A 28 4.86 -10.65 -4.89
CA ASN A 28 6.19 -10.02 -4.84
C ASN A 28 6.41 -9.32 -3.51
N ASP A 29 7.39 -9.80 -2.76
CA ASP A 29 7.71 -9.22 -1.45
C ASP A 29 8.08 -7.74 -1.60
N GLU A 30 8.49 -7.36 -2.80
CA GLU A 30 8.86 -5.97 -3.06
C GLU A 30 7.63 -5.09 -3.21
N TYR A 31 6.59 -5.64 -3.84
CA TYR A 31 5.35 -4.90 -4.05
C TYR A 31 4.84 -4.30 -2.74
N TYR A 32 5.15 -4.96 -1.63
CA TYR A 32 4.73 -4.49 -0.31
C TYR A 32 5.20 -3.05 -0.07
N SER A 33 6.48 -2.80 -0.34
CA SER A 33 7.04 -1.48 -0.15
C SER A 33 6.51 -0.50 -1.18
N GLU A 34 6.20 -1.01 -2.37
CA GLU A 34 5.68 -0.19 -3.45
C GLU A 34 4.46 0.61 -3.00
N CYS A 35 3.48 -0.08 -2.44
CA CYS A 35 2.27 0.55 -1.96
C CYS A 35 2.58 1.65 -0.96
N CYS A 36 3.57 1.40 -0.10
CA CYS A 36 3.99 2.37 0.90
C CYS A 36 4.52 3.64 0.25
N GLU A 37 4.95 3.52 -1.01
CA GLU A 37 5.48 4.66 -1.74
C GLU A 37 4.41 5.70 -1.98
N SER A 38 4.76 6.75 -2.72
CA SER A 38 3.82 7.83 -3.02
C SER A 38 2.44 7.27 -3.38
N ASP A 39 1.41 8.07 -3.18
CA ASP A 39 0.05 7.67 -3.48
C ASP A 39 -0.05 7.10 -4.89
N TYR A 40 0.84 7.55 -5.77
CA TYR A 40 0.86 7.09 -7.15
C TYR A 40 0.81 5.57 -7.22
N ARG A 41 1.58 4.92 -6.35
CA ARG A 41 1.63 3.47 -6.32
C ARG A 41 0.49 2.90 -5.45
N TYR A 42 0.20 3.59 -4.35
CA TYR A 42 -0.85 3.15 -3.44
C TYR A 42 -2.15 2.91 -4.21
N HIS A 43 -2.51 3.85 -5.07
CA HIS A 43 -3.73 3.73 -5.87
C HIS A 43 -3.61 2.60 -6.88
N ARG A 44 -2.40 2.35 -7.36
CA ARG A 44 -2.15 1.30 -8.33
C ARG A 44 -2.38 -0.07 -7.71
N CYS A 45 -2.00 -0.22 -6.45
CA CYS A 45 -2.16 -1.49 -5.74
C CYS A 45 -3.64 -1.78 -5.49
N LEU A 46 -4.41 -0.74 -5.22
CA LEU A 46 -5.84 -0.90 -4.97
C LEU A 46 -6.54 -1.55 -6.15
N ASP A 47 -6.03 -1.29 -7.35
CA ASP A 47 -6.60 -1.86 -8.57
C ASP A 47 -6.68 -3.37 -8.47
N LEU A 48 -5.63 -3.99 -7.92
CA LEU A 48 -5.59 -5.44 -7.77
C LEU A 48 -6.48 -5.90 -6.64
N LEU A 49 -6.57 -5.09 -5.58
CA LEU A 49 -7.39 -5.41 -4.43
C LEU A 49 -8.87 -5.14 -4.72
N ARG A 50 -9.14 -4.61 -5.90
CA ARG A 50 -10.51 -4.30 -6.30
C ARG A 50 -11.41 -5.51 -6.14
N ASN A 51 -10.88 -6.68 -6.48
CA ASN A 51 -11.64 -7.92 -6.37
C ASN A 51 -11.34 -8.63 -5.05
N PHE A 52 -10.99 -7.84 -4.04
CA PHE A 52 -10.68 -8.40 -2.72
C PHE A 52 -11.47 -7.69 -1.62
N THR A 1 3.76 15.04 15.59
CA THR A 1 3.32 15.46 14.26
C THR A 1 3.22 14.26 13.32
N ASP A 2 2.23 13.41 13.56
CA ASP A 2 2.01 12.22 12.73
C ASP A 2 1.39 12.60 11.40
N ASP A 3 2.24 12.90 10.41
CA ASP A 3 1.77 13.27 9.09
C ASP A 3 2.06 12.17 8.08
N GLU A 4 1.69 12.40 6.82
CA GLU A 4 1.91 11.43 5.76
C GLU A 4 3.37 11.44 5.31
N SER A 5 4.05 12.54 5.58
CA SER A 5 5.45 12.68 5.19
C SER A 5 6.30 11.55 5.78
N SER A 6 5.80 10.95 6.85
CA SER A 6 6.51 9.85 7.50
C SER A 6 6.18 8.52 6.85
N ASN A 7 4.89 8.17 6.86
CA ASN A 7 4.44 6.91 6.27
C ASN A 7 2.92 6.89 6.13
N LYS A 8 2.44 6.98 4.89
CA LYS A 8 1.01 6.96 4.63
C LYS A 8 0.37 5.67 5.13
N CYS A 9 1.18 4.62 5.24
CA CYS A 9 0.69 3.32 5.70
C CYS A 9 0.27 3.41 7.17
N ALA A 10 0.86 4.35 7.90
CA ALA A 10 0.54 4.53 9.31
C ALA A 10 -0.60 5.52 9.49
N LYS A 11 -0.95 6.22 8.41
CA LYS A 11 -2.03 7.20 8.46
C LYS A 11 -3.39 6.52 8.55
N THR A 12 -3.44 5.27 8.14
CA THR A 12 -4.68 4.50 8.18
C THR A 12 -4.41 3.00 8.10
N LYS A 13 -5.34 2.21 8.63
CA LYS A 13 -5.20 0.76 8.61
C LYS A 13 -5.28 0.22 7.19
N ARG A 14 -6.30 0.66 6.45
CA ARG A 14 -6.49 0.22 5.07
C ARG A 14 -5.22 0.40 4.27
N ARG A 15 -4.57 1.55 4.43
CA ARG A 15 -3.34 1.85 3.71
C ARG A 15 -2.27 0.80 4.00
N GLU A 16 -2.14 0.43 5.28
CA GLU A 16 -1.16 -0.56 5.68
C GLU A 16 -1.54 -1.95 5.19
N ASN A 17 -2.84 -2.21 5.14
CA ASN A 17 -3.34 -3.50 4.68
C ASN A 17 -3.19 -3.64 3.16
N VAL A 18 -3.43 -2.53 2.45
CA VAL A 18 -3.32 -2.52 1.00
C VAL A 18 -1.91 -2.91 0.55
N CYS A 19 -0.91 -2.47 1.30
CA CYS A 19 0.48 -2.77 0.98
C CYS A 19 0.82 -4.22 1.31
N ARG A 20 0.33 -4.69 2.46
CA ARG A 20 0.58 -6.06 2.89
C ARG A 20 -0.13 -7.05 1.98
N VAL A 21 -1.36 -6.73 1.61
CA VAL A 21 -2.16 -7.60 0.73
C VAL A 21 -1.64 -7.54 -0.70
N CYS A 22 -1.16 -6.37 -1.10
CA CYS A 22 -0.63 -6.18 -2.45
C CYS A 22 0.55 -7.11 -2.71
N GLY A 23 1.42 -7.24 -1.72
CA GLY A 23 2.59 -8.09 -1.86
C GLY A 23 2.21 -9.55 -1.99
N ASN A 24 1.21 -9.97 -1.22
CA ASN A 24 0.77 -11.37 -1.24
C ASN A 24 0.08 -11.69 -2.57
N ARG A 25 -0.80 -10.80 -3.00
CA ARG A 25 -1.53 -11.00 -4.25
C ARG A 25 -0.57 -11.11 -5.43
N SER A 26 0.26 -10.09 -5.60
CA SER A 26 1.23 -10.07 -6.70
C SER A 26 2.29 -11.15 -6.50
N GLY A 27 2.60 -11.44 -5.24
CA GLY A 27 3.60 -12.46 -4.94
C GLY A 27 5.01 -11.90 -4.93
N ASN A 28 5.14 -10.64 -4.55
CA ASN A 28 6.44 -9.99 -4.50
C ASN A 28 6.63 -9.22 -3.20
N ASP A 29 7.59 -9.63 -2.40
CA ASP A 29 7.88 -8.99 -1.12
C ASP A 29 8.22 -7.51 -1.32
N GLU A 30 8.64 -7.18 -2.53
CA GLU A 30 9.00 -5.80 -2.86
C GLU A 30 7.74 -4.94 -3.06
N TYR A 31 6.72 -5.53 -3.66
CA TYR A 31 5.48 -4.82 -3.92
C TYR A 31 4.94 -4.17 -2.64
N TYR A 32 5.26 -4.77 -1.50
CA TYR A 32 4.83 -4.25 -0.21
C TYR A 32 5.27 -2.81 -0.03
N SER A 33 6.54 -2.53 -0.31
CA SER A 33 7.09 -1.20 -0.17
C SER A 33 6.54 -0.28 -1.26
N GLU A 34 6.25 -0.85 -2.42
CA GLU A 34 5.73 -0.09 -3.54
C GLU A 34 4.48 0.70 -3.13
N CYS A 35 3.52 0.00 -2.56
CA CYS A 35 2.27 0.63 -2.12
C CYS A 35 2.56 1.76 -1.14
N CYS A 36 3.58 1.58 -0.32
CA CYS A 36 3.96 2.59 0.67
C CYS A 36 4.50 3.84 -0.02
N GLU A 37 4.79 3.73 -1.31
CA GLU A 37 5.32 4.84 -2.07
C GLU A 37 4.22 5.86 -2.39
N SER A 38 4.57 6.88 -3.17
CA SER A 38 3.62 7.91 -3.53
C SER A 38 2.26 7.31 -3.89
N ASP A 39 1.21 8.10 -3.74
CA ASP A 39 -0.15 7.64 -4.05
C ASP A 39 -0.20 7.01 -5.44
N TYR A 40 0.71 7.43 -6.32
CA TYR A 40 0.76 6.90 -7.67
C TYR A 40 0.76 5.38 -7.67
N ARG A 41 1.52 4.79 -6.74
CA ARG A 41 1.61 3.34 -6.63
C ARG A 41 0.48 2.80 -5.77
N TYR A 42 0.16 3.52 -4.70
CA TYR A 42 -0.91 3.11 -3.79
C TYR A 42 -2.20 2.80 -4.56
N HIS A 43 -2.54 3.68 -5.49
CA HIS A 43 -3.74 3.51 -6.29
C HIS A 43 -3.59 2.33 -7.26
N ARG A 44 -2.35 2.08 -7.69
CA ARG A 44 -2.08 0.99 -8.62
C ARG A 44 -2.30 -0.36 -7.94
N CYS A 45 -1.99 -0.43 -6.65
CA CYS A 45 -2.15 -1.67 -5.89
C CYS A 45 -3.64 -1.97 -5.66
N LEU A 46 -4.42 -0.92 -5.47
CA LEU A 46 -5.86 -1.07 -5.24
C LEU A 46 -6.52 -1.78 -6.41
N ASP A 47 -5.98 -1.58 -7.61
CA ASP A 47 -6.52 -2.20 -8.81
C ASP A 47 -6.60 -3.71 -8.65
N LEU A 48 -5.56 -4.29 -8.06
CA LEU A 48 -5.51 -5.73 -7.85
C LEU A 48 -6.40 -6.15 -6.69
N LEU A 49 -6.51 -5.27 -5.69
CA LEU A 49 -7.34 -5.54 -4.52
C LEU A 49 -8.81 -5.32 -4.83
N ARG A 50 -9.09 -4.87 -6.05
CA ARG A 50 -10.46 -4.61 -6.48
C ARG A 50 -11.33 -5.84 -6.27
N ASN A 51 -10.78 -7.01 -6.58
CA ASN A 51 -11.50 -8.27 -6.42
C ASN A 51 -11.28 -8.86 -5.04
N PHE A 52 -10.71 -8.07 -4.14
CA PHE A 52 -10.44 -8.51 -2.77
C PHE A 52 -11.40 -7.85 -1.79
N THR A 1 0.34 17.57 8.43
CA THR A 1 1.27 17.82 7.33
C THR A 1 2.52 16.96 7.47
N ASP A 2 2.85 16.59 8.70
CA ASP A 2 4.02 15.75 8.96
C ASP A 2 3.60 14.39 9.50
N ASP A 3 2.38 13.99 9.20
CA ASP A 3 1.86 12.70 9.65
C ASP A 3 2.12 11.62 8.61
N GLU A 4 1.73 11.89 7.37
CA GLU A 4 1.91 10.93 6.28
C GLU A 4 3.34 10.95 5.78
N SER A 5 4.04 12.06 6.03
CA SER A 5 5.42 12.21 5.60
C SER A 5 6.30 11.09 6.17
N SER A 6 5.83 10.48 7.26
CA SER A 6 6.56 9.40 7.90
C SER A 6 6.24 8.05 7.24
N ASN A 7 4.97 7.69 7.24
CA ASN A 7 4.52 6.43 6.66
C ASN A 7 3.01 6.39 6.52
N LYS A 8 2.52 6.49 5.28
CA LYS A 8 1.09 6.47 5.02
C LYS A 8 0.46 5.16 5.51
N CYS A 9 1.28 4.11 5.60
CA CYS A 9 0.80 2.82 6.07
C CYS A 9 0.40 2.88 7.53
N ALA A 10 0.99 3.82 8.26
CA ALA A 10 0.69 3.99 9.68
C ALA A 10 -0.47 4.97 9.88
N LYS A 11 -0.84 5.66 8.82
CA LYS A 11 -1.94 6.62 8.87
C LYS A 11 -3.29 5.92 8.99
N THR A 12 -3.33 4.66 8.55
CA THR A 12 -4.56 3.89 8.61
C THR A 12 -4.27 2.39 8.47
N LYS A 13 -5.18 1.57 8.99
CA LYS A 13 -5.02 0.12 8.93
C LYS A 13 -5.11 -0.38 7.48
N ARG A 14 -6.14 0.07 6.77
CA ARG A 14 -6.34 -0.33 5.39
C ARG A 14 -5.07 -0.09 4.56
N ARG A 15 -4.43 1.05 4.79
CA ARG A 15 -3.21 1.39 4.06
C ARG A 15 -2.12 0.36 4.32
N GLU A 16 -1.98 -0.05 5.57
CA GLU A 16 -0.97 -1.04 5.94
C GLU A 16 -1.34 -2.42 5.40
N ASN A 17 -2.64 -2.71 5.35
CA ASN A 17 -3.12 -3.99 4.85
C ASN A 17 -2.98 -4.07 3.34
N VAL A 18 -3.25 -2.95 2.66
CA VAL A 18 -3.16 -2.89 1.21
C VAL A 18 -1.74 -3.22 0.74
N CYS A 19 -0.75 -2.75 1.50
CA CYS A 19 0.65 -2.98 1.15
C CYS A 19 1.02 -4.44 1.40
N ARG A 20 0.50 -5.02 2.47
CA ARG A 20 0.79 -6.40 2.82
C ARG A 20 0.08 -7.36 1.86
N VAL A 21 -1.15 -7.02 1.48
CA VAL A 21 -1.93 -7.85 0.58
C VAL A 21 -1.45 -7.68 -0.86
N CYS A 22 -0.98 -6.47 -1.19
CA CYS A 22 -0.51 -6.19 -2.53
C CYS A 22 0.66 -7.10 -2.90
N GLY A 23 1.60 -7.24 -1.98
CA GLY A 23 2.76 -8.09 -2.23
C GLY A 23 2.37 -9.55 -2.40
N ASN A 24 1.39 -10.00 -1.63
CA ASN A 24 0.93 -11.38 -1.70
C ASN A 24 0.21 -11.66 -3.02
N ARG A 25 -0.68 -10.75 -3.40
CA ARG A 25 -1.43 -10.89 -4.63
C ARG A 25 -0.49 -10.92 -5.84
N SER A 26 0.31 -9.87 -5.98
CA SER A 26 1.26 -9.77 -7.09
C SER A 26 2.33 -10.86 -6.98
N GLY A 27 2.63 -11.26 -5.76
CA GLY A 27 3.63 -12.29 -5.54
C GLY A 27 5.05 -11.72 -5.53
N ASN A 28 5.18 -10.49 -5.06
CA ASN A 28 6.48 -9.82 -5.01
C ASN A 28 6.68 -9.14 -3.66
N ASP A 29 7.67 -9.61 -2.90
CA ASP A 29 7.98 -9.05 -1.60
C ASP A 29 8.30 -7.55 -1.72
N GLU A 30 8.70 -7.13 -2.91
CA GLU A 30 9.04 -5.74 -3.15
C GLU A 30 7.79 -4.87 -3.25
N TYR A 31 6.74 -5.42 -3.85
CA TYR A 31 5.48 -4.71 -4.01
C TYR A 31 5.01 -4.14 -2.67
N TYR A 32 5.36 -4.83 -1.59
CA TYR A 32 4.97 -4.39 -0.25
C TYR A 32 5.42 -2.95 0.01
N SER A 33 6.69 -2.67 -0.28
CA SER A 33 7.24 -1.35 -0.06
C SER A 33 6.69 -0.36 -1.08
N GLU A 34 6.38 -0.86 -2.28
CA GLU A 34 5.83 -0.03 -3.35
C GLU A 34 4.60 0.72 -2.86
N CYS A 35 3.63 -0.02 -2.33
CA CYS A 35 2.39 0.58 -1.84
C CYS A 35 2.68 1.65 -0.80
N CYS A 36 3.72 1.43 0.01
CA CYS A 36 4.10 2.38 1.05
C CYS A 36 4.64 3.67 0.43
N GLU A 37 4.93 3.62 -0.86
CA GLU A 37 5.44 4.79 -1.57
C GLU A 37 4.34 5.81 -1.81
N SER A 38 4.69 6.88 -2.53
CA SER A 38 3.72 7.93 -2.83
C SER A 38 2.37 7.34 -3.22
N ASP A 39 1.31 8.13 -3.03
CA ASP A 39 -0.04 7.69 -3.36
C ASP A 39 -0.10 7.13 -4.78
N TYR A 40 0.81 7.61 -5.64
CA TYR A 40 0.86 7.16 -7.02
C TYR A 40 0.85 5.63 -7.10
N ARG A 41 1.61 4.99 -6.22
CA ARG A 41 1.70 3.54 -6.20
C ARG A 41 0.57 2.95 -5.35
N TYR A 42 0.25 3.61 -4.25
CA TYR A 42 -0.81 3.15 -3.36
C TYR A 42 -2.10 2.89 -4.14
N HIS A 43 -2.45 3.83 -5.01
CA HIS A 43 -3.66 3.71 -5.82
C HIS A 43 -3.51 2.59 -6.84
N ARG A 44 -2.29 2.35 -7.30
CA ARG A 44 -2.02 1.31 -8.28
C ARG A 44 -2.24 -0.07 -7.68
N CYS A 45 -1.94 -0.21 -6.39
CA CYS A 45 -2.12 -1.49 -5.70
C CYS A 45 -3.59 -1.79 -5.48
N LEU A 46 -4.37 -0.74 -5.22
CA LEU A 46 -5.81 -0.90 -4.99
C LEU A 46 -6.48 -1.54 -6.19
N ASP A 47 -5.95 -1.27 -7.38
CA ASP A 47 -6.51 -1.83 -8.61
C ASP A 47 -6.61 -3.34 -8.52
N LEU A 48 -5.56 -3.97 -7.98
CA LEU A 48 -5.52 -5.42 -7.84
C LEU A 48 -6.42 -5.88 -6.70
N LEU A 49 -6.50 -5.06 -5.66
CA LEU A 49 -7.33 -5.38 -4.50
C LEU A 49 -8.81 -5.13 -4.79
N ARG A 50 -9.09 -4.61 -5.99
CA ARG A 50 -10.46 -4.33 -6.39
C ARG A 50 -11.36 -5.53 -6.15
N ASN A 51 -10.81 -6.73 -6.36
CA ASN A 51 -11.56 -7.97 -6.17
C ASN A 51 -11.04 -8.74 -4.96
N PHE A 52 -10.31 -8.05 -4.10
CA PHE A 52 -9.76 -8.67 -2.90
C PHE A 52 -10.86 -9.33 -2.07
N THR A 1 1.44 12.56 16.23
CA THR A 1 1.80 13.61 15.27
C THR A 1 2.67 13.04 14.15
N ASP A 2 2.06 12.27 13.25
CA ASP A 2 2.78 11.68 12.13
C ASP A 2 2.01 11.88 10.82
N ASP A 3 2.31 12.96 10.13
CA ASP A 3 1.66 13.27 8.86
C ASP A 3 2.12 12.32 7.76
N GLU A 4 1.59 12.51 6.55
CA GLU A 4 1.95 11.67 5.42
C GLU A 4 3.43 11.81 5.10
N SER A 5 4.05 12.87 5.61
CA SER A 5 5.46 13.13 5.36
C SER A 5 6.33 12.01 5.95
N SER A 6 5.73 11.22 6.84
CA SER A 6 6.44 10.12 7.48
C SER A 6 6.12 8.79 6.80
N ASN A 7 4.84 8.43 6.79
CA ASN A 7 4.40 7.19 6.17
C ASN A 7 2.88 7.15 6.02
N LYS A 8 2.41 7.13 4.78
CA LYS A 8 0.98 7.09 4.50
C LYS A 8 0.36 5.81 5.03
N CYS A 9 1.17 4.77 5.16
CA CYS A 9 0.70 3.48 5.66
C CYS A 9 0.26 3.59 7.12
N ALA A 10 0.82 4.56 7.83
CA ALA A 10 0.48 4.77 9.23
C ALA A 10 -0.67 5.77 9.37
N LYS A 11 -0.99 6.47 8.29
CA LYS A 11 -2.06 7.44 8.29
C LYS A 11 -3.43 6.76 8.34
N THR A 12 -3.46 5.49 7.92
CA THR A 12 -4.70 4.72 7.92
C THR A 12 -4.41 3.23 7.85
N LYS A 13 -5.20 2.44 8.57
CA LYS A 13 -5.03 1.00 8.59
C LYS A 13 -5.17 0.41 7.19
N ARG A 14 -6.20 0.85 6.47
CA ARG A 14 -6.44 0.37 5.12
C ARG A 14 -5.18 0.50 4.25
N ARG A 15 -4.49 1.63 4.41
CA ARG A 15 -3.27 1.88 3.65
C ARG A 15 -2.21 0.83 3.96
N GLU A 16 -2.02 0.55 5.25
CA GLU A 16 -1.04 -0.44 5.67
C GLU A 16 -1.43 -1.84 5.22
N ASN A 17 -2.73 -2.09 5.18
CA ASN A 17 -3.25 -3.39 4.76
C ASN A 17 -3.11 -3.58 3.25
N VAL A 18 -3.42 -2.52 2.51
CA VAL A 18 -3.33 -2.56 1.05
C VAL A 18 -1.92 -2.92 0.60
N CYS A 19 -0.93 -2.44 1.34
CA CYS A 19 0.47 -2.71 1.01
C CYS A 19 0.84 -4.14 1.36
N ARG A 20 0.38 -4.61 2.51
CA ARG A 20 0.66 -5.96 2.96
C ARG A 20 -0.04 -6.99 2.07
N VAL A 21 -1.25 -6.64 1.61
CA VAL A 21 -2.02 -7.53 0.75
C VAL A 21 -1.47 -7.55 -0.66
N CYS A 22 -0.93 -6.42 -1.10
CA CYS A 22 -0.36 -6.31 -2.44
C CYS A 22 0.71 -7.39 -2.67
N GLY A 23 1.61 -7.51 -1.72
CA GLY A 23 2.68 -8.51 -1.84
C GLY A 23 2.14 -9.93 -1.81
N ASN A 24 1.09 -10.15 -1.04
CA ASN A 24 0.48 -11.47 -0.93
C ASN A 24 -0.23 -11.85 -2.23
N ARG A 25 -0.88 -10.87 -2.85
CA ARG A 25 -1.60 -11.11 -4.10
C ARG A 25 -0.63 -11.17 -5.28
N SER A 26 0.14 -10.10 -5.46
CA SER A 26 1.10 -10.03 -6.56
C SER A 26 2.20 -11.07 -6.37
N GLY A 27 2.42 -11.48 -5.13
CA GLY A 27 3.46 -12.46 -4.84
C GLY A 27 4.85 -11.87 -4.90
N ASN A 28 4.97 -10.60 -4.55
CA ASN A 28 6.26 -9.91 -4.57
C ASN A 28 6.53 -9.20 -3.25
N ASP A 29 7.57 -9.63 -2.55
CA ASP A 29 7.93 -9.03 -1.27
C ASP A 29 8.26 -7.54 -1.45
N GLU A 30 8.69 -7.17 -2.64
CA GLU A 30 9.04 -5.78 -2.93
C GLU A 30 7.78 -4.94 -3.13
N TYR A 31 6.76 -5.53 -3.73
CA TYR A 31 5.50 -4.84 -3.98
C TYR A 31 4.98 -4.18 -2.71
N TYR A 32 5.30 -4.80 -1.57
CA TYR A 32 4.85 -4.28 -0.28
C TYR A 32 5.30 -2.83 -0.09
N SER A 33 6.58 -2.57 -0.34
CA SER A 33 7.13 -1.22 -0.19
C SER A 33 6.62 -0.31 -1.29
N GLU A 34 6.35 -0.89 -2.47
CA GLU A 34 5.87 -0.13 -3.60
C GLU A 34 4.60 0.65 -3.24
N CYS A 35 3.65 -0.04 -2.62
CA CYS A 35 2.39 0.58 -2.21
C CYS A 35 2.65 1.77 -1.28
N CYS A 36 3.57 1.58 -0.34
CA CYS A 36 3.92 2.62 0.62
C CYS A 36 4.40 3.88 -0.09
N GLU A 37 4.94 3.69 -1.30
CA GLU A 37 5.45 4.81 -2.08
C GLU A 37 4.34 5.81 -2.38
N SER A 38 4.67 6.84 -3.17
CA SER A 38 3.71 7.87 -3.53
C SER A 38 2.35 7.25 -3.87
N ASP A 39 1.29 8.04 -3.70
CA ASP A 39 -0.06 7.57 -3.98
C ASP A 39 -0.14 6.96 -5.38
N TYR A 40 0.75 7.40 -6.26
CA TYR A 40 0.78 6.90 -7.63
C TYR A 40 0.75 5.38 -7.66
N ARG A 41 1.54 4.76 -6.78
CA ARG A 41 1.61 3.31 -6.70
C ARG A 41 0.49 2.76 -5.83
N TYR A 42 0.17 3.48 -4.76
CA TYR A 42 -0.88 3.06 -3.84
C TYR A 42 -2.16 2.74 -4.58
N HIS A 43 -2.53 3.62 -5.52
CA HIS A 43 -3.75 3.44 -6.31
C HIS A 43 -3.60 2.24 -7.26
N ARG A 44 -2.39 2.05 -7.77
CA ARG A 44 -2.11 0.95 -8.69
C ARG A 44 -2.32 -0.40 -8.00
N CYS A 45 -2.09 -0.43 -6.69
CA CYS A 45 -2.25 -1.65 -5.91
C CYS A 45 -3.72 -1.96 -5.69
N LEU A 46 -4.52 -0.92 -5.49
CA LEU A 46 -5.95 -1.09 -5.25
C LEU A 46 -6.61 -1.81 -6.42
N ASP A 47 -6.08 -1.60 -7.62
CA ASP A 47 -6.62 -2.24 -8.81
C ASP A 47 -6.69 -3.75 -8.64
N LEU A 48 -5.65 -4.33 -8.05
CA LEU A 48 -5.58 -5.76 -7.82
C LEU A 48 -6.50 -6.16 -6.68
N LEU A 49 -6.61 -5.30 -5.67
CA LEU A 49 -7.45 -5.57 -4.51
C LEU A 49 -8.92 -5.33 -4.84
N ARG A 50 -9.18 -4.88 -6.06
CA ARG A 50 -10.55 -4.61 -6.50
C ARG A 50 -11.45 -5.83 -6.26
N ASN A 51 -10.92 -7.01 -6.54
CA ASN A 51 -11.68 -8.24 -6.35
C ASN A 51 -11.36 -8.88 -5.00
N PHE A 52 -10.67 -8.12 -4.15
CA PHE A 52 -10.30 -8.61 -2.82
C PHE A 52 -11.49 -8.57 -1.87
N THR A 1 -0.86 14.80 3.27
CA THR A 1 -0.03 15.86 3.82
C THR A 1 -0.26 16.02 5.32
N ASP A 2 -0.41 14.89 6.00
CA ASP A 2 -0.63 14.91 7.44
C ASP A 2 0.33 13.96 8.15
N ASP A 3 1.57 14.40 8.33
CA ASP A 3 2.57 13.59 8.99
C ASP A 3 2.88 12.32 8.18
N GLU A 4 2.42 12.31 6.94
CA GLU A 4 2.64 11.17 6.06
C GLU A 4 4.12 11.02 5.72
N SER A 5 4.88 12.08 5.95
CA SER A 5 6.31 12.08 5.67
C SER A 5 7.01 10.93 6.39
N SER A 6 6.37 10.43 7.45
CA SER A 6 6.93 9.33 8.23
C SER A 6 6.53 7.98 7.64
N ASN A 7 5.23 7.72 7.60
CA ASN A 7 4.72 6.47 7.06
C ASN A 7 3.20 6.51 6.92
N LYS A 8 2.73 6.54 5.67
CA LYS A 8 1.29 6.59 5.41
C LYS A 8 0.62 5.30 5.86
N CYS A 9 1.39 4.22 5.92
CA CYS A 9 0.86 2.93 6.33
C CYS A 9 0.50 2.93 7.81
N ALA A 10 1.16 3.80 8.57
CA ALA A 10 0.90 3.91 10.00
C ALA A 10 -0.24 4.88 10.29
N LYS A 11 -0.61 5.67 9.27
CA LYS A 11 -1.69 6.64 9.41
C LYS A 11 -3.05 5.94 9.45
N THR A 12 -3.10 4.72 8.93
CA THR A 12 -4.34 3.94 8.92
C THR A 12 -4.05 2.46 8.71
N LYS A 13 -4.89 1.62 9.29
CA LYS A 13 -4.73 0.17 9.16
C LYS A 13 -4.92 -0.27 7.72
N ARG A 14 -5.97 0.24 7.07
CA ARG A 14 -6.26 -0.10 5.69
C ARG A 14 -5.03 0.09 4.82
N ARG A 15 -4.32 1.19 5.03
CA ARG A 15 -3.12 1.50 4.25
C ARG A 15 -2.07 0.41 4.44
N GLU A 16 -1.85 0.02 5.69
CA GLU A 16 -0.87 -1.02 6.00
C GLU A 16 -1.30 -2.36 5.43
N ASN A 17 -2.60 -2.60 5.41
CA ASN A 17 -3.14 -3.86 4.89
C ASN A 17 -3.05 -3.90 3.37
N VAL A 18 -3.35 -2.77 2.73
CA VAL A 18 -3.30 -2.68 1.27
C VAL A 18 -1.92 -3.05 0.75
N CYS A 19 -0.89 -2.69 1.50
CA CYS A 19 0.49 -2.99 1.12
C CYS A 19 0.81 -4.47 1.30
N ARG A 20 0.35 -5.02 2.43
CA ARG A 20 0.59 -6.43 2.73
C ARG A 20 -0.16 -7.33 1.75
N VAL A 21 -1.39 -6.94 1.44
CA VAL A 21 -2.22 -7.72 0.51
C VAL A 21 -1.74 -7.56 -0.93
N CYS A 22 -1.22 -6.37 -1.24
CA CYS A 22 -0.72 -6.09 -2.58
C CYS A 22 0.44 -7.02 -2.94
N GLY A 23 1.37 -7.19 -1.99
CA GLY A 23 2.51 -8.05 -2.23
C GLY A 23 2.12 -9.49 -2.41
N ASN A 24 1.12 -9.95 -1.65
CA ASN A 24 0.65 -11.32 -1.73
C ASN A 24 -0.06 -11.58 -3.06
N ARG A 25 -0.94 -10.65 -3.44
CA ARG A 25 -1.69 -10.78 -4.68
C ARG A 25 -0.75 -10.86 -5.87
N SER A 26 0.10 -9.85 -6.02
CA SER A 26 1.05 -9.80 -7.13
C SER A 26 2.09 -10.91 -7.01
N GLY A 27 2.46 -11.22 -5.77
CA GLY A 27 3.45 -12.27 -5.54
C GLY A 27 4.87 -11.73 -5.46
N ASN A 28 4.99 -10.43 -5.23
CA ASN A 28 6.30 -9.79 -5.14
C ASN A 28 6.50 -9.15 -3.76
N ASP A 29 7.48 -9.64 -3.03
CA ASP A 29 7.78 -9.12 -1.70
C ASP A 29 8.13 -7.63 -1.77
N GLU A 30 8.53 -7.18 -2.95
CA GLU A 30 8.89 -5.78 -3.15
C GLU A 30 7.64 -4.91 -3.23
N TYR A 31 6.60 -5.44 -3.86
CA TYR A 31 5.35 -4.70 -4.02
C TYR A 31 4.86 -4.15 -2.68
N TYR A 32 5.20 -4.85 -1.61
CA TYR A 32 4.80 -4.45 -0.27
C TYR A 32 5.27 -3.03 0.03
N SER A 33 6.55 -2.77 -0.23
CA SER A 33 7.12 -1.45 0.01
C SER A 33 6.60 -0.43 -1.00
N GLU A 34 6.29 -0.91 -2.20
CA GLU A 34 5.79 -0.04 -3.26
C GLU A 34 4.55 0.72 -2.78
N CYS A 35 3.59 0.00 -2.23
CA CYS A 35 2.35 0.60 -1.74
C CYS A 35 2.66 1.67 -0.69
N CYS A 36 3.66 1.40 0.13
CA CYS A 36 4.05 2.34 1.18
C CYS A 36 4.61 3.63 0.59
N GLU A 37 4.91 3.59 -0.71
CA GLU A 37 5.46 4.76 -1.40
C GLU A 37 4.36 5.80 -1.65
N SER A 38 4.72 6.87 -2.36
CA SER A 38 3.78 7.94 -2.66
C SER A 38 2.41 7.36 -3.05
N ASP A 39 1.37 8.16 -2.85
CA ASP A 39 0.02 7.73 -3.18
C ASP A 39 -0.05 7.20 -4.61
N TYR A 40 0.86 7.67 -5.46
CA TYR A 40 0.91 7.24 -6.85
C TYR A 40 0.86 5.72 -6.95
N ARG A 41 1.62 5.05 -6.10
CA ARG A 41 1.67 3.60 -6.09
C ARG A 41 0.54 3.01 -5.26
N TYR A 42 0.23 3.67 -4.15
CA TYR A 42 -0.83 3.22 -3.26
C TYR A 42 -2.13 2.99 -4.03
N HIS A 43 -2.46 3.94 -4.91
CA HIS A 43 -3.67 3.83 -5.71
C HIS A 43 -3.55 2.72 -6.74
N ARG A 44 -2.31 2.49 -7.22
CA ARG A 44 -2.07 1.45 -8.21
C ARG A 44 -2.31 0.07 -7.63
N CYS A 45 -2.04 -0.08 -6.33
CA CYS A 45 -2.22 -1.35 -5.65
C CYS A 45 -3.70 -1.65 -5.45
N LEU A 46 -4.47 -0.62 -5.15
CA LEU A 46 -5.91 -0.78 -4.93
C LEU A 46 -6.58 -1.39 -6.16
N ASP A 47 -6.04 -1.10 -7.34
CA ASP A 47 -6.59 -1.63 -8.58
C ASP A 47 -6.68 -3.15 -8.53
N LEU A 48 -5.65 -3.79 -7.98
CA LEU A 48 -5.62 -5.24 -7.87
C LEU A 48 -6.52 -5.73 -6.75
N LEU A 49 -6.62 -4.92 -5.68
CA LEU A 49 -7.46 -5.27 -4.55
C LEU A 49 -8.93 -4.99 -4.84
N ARG A 50 -9.20 -4.46 -6.03
CA ARG A 50 -10.56 -4.15 -6.44
C ARG A 50 -11.45 -5.38 -6.33
N ASN A 51 -10.92 -6.52 -6.71
CA ASN A 51 -11.66 -7.78 -6.65
C ASN A 51 -11.52 -8.44 -5.28
N PHE A 52 -10.89 -7.73 -4.36
CA PHE A 52 -10.69 -8.24 -3.01
C PHE A 52 -11.56 -7.50 -2.01
N THR A 1 2.23 16.30 15.33
CA THR A 1 3.29 16.65 14.39
C THR A 1 3.53 15.52 13.41
N ASP A 2 2.51 14.70 13.18
CA ASP A 2 2.61 13.57 12.26
C ASP A 2 1.88 13.87 10.95
N ASP A 3 2.36 13.29 9.86
CA ASP A 3 1.75 13.49 8.56
C ASP A 3 2.05 12.31 7.63
N GLU A 4 1.52 12.38 6.41
CA GLU A 4 1.73 11.32 5.43
C GLU A 4 3.18 11.30 4.95
N SER A 5 3.86 12.43 5.11
CA SER A 5 5.25 12.55 4.68
C SER A 5 6.11 11.46 5.33
N SER A 6 5.65 10.96 6.47
CA SER A 6 6.38 9.93 7.19
C SER A 6 6.05 8.54 6.64
N ASN A 7 4.78 8.17 6.69
CA ASN A 7 4.34 6.87 6.20
C ASN A 7 2.82 6.82 6.08
N LYS A 8 2.31 6.84 4.86
CA LYS A 8 0.88 6.79 4.62
C LYS A 8 0.27 5.50 5.18
N CYS A 9 1.10 4.47 5.31
CA CYS A 9 0.65 3.19 5.82
C CYS A 9 0.22 3.32 7.28
N ALA A 10 0.80 4.28 7.99
CA ALA A 10 0.49 4.51 9.38
C ALA A 10 -0.64 5.54 9.53
N LYS A 11 -0.92 6.26 8.45
CA LYS A 11 -1.97 7.26 8.45
C LYS A 11 -3.35 6.61 8.47
N THR A 12 -3.41 5.33 8.10
CA THR A 12 -4.67 4.60 8.08
C THR A 12 -4.42 3.09 8.08
N LYS A 13 -5.37 2.34 8.64
CA LYS A 13 -5.25 0.89 8.69
C LYS A 13 -5.33 0.28 7.30
N ARG A 14 -6.34 0.70 6.53
CA ARG A 14 -6.52 0.20 5.18
C ARG A 14 -5.25 0.37 4.34
N ARG A 15 -4.56 1.49 4.55
CA ARG A 15 -3.33 1.76 3.82
C ARG A 15 -2.27 0.71 4.11
N GLU A 16 -2.12 0.37 5.39
CA GLU A 16 -1.14 -0.63 5.80
C GLU A 16 -1.53 -2.02 5.29
N ASN A 17 -2.83 -2.28 5.27
CA ASN A 17 -3.34 -3.57 4.80
C ASN A 17 -3.19 -3.70 3.29
N VAL A 18 -3.47 -2.62 2.58
CA VAL A 18 -3.36 -2.61 1.12
C VAL A 18 -1.95 -2.97 0.67
N CYS A 19 -0.97 -2.54 1.44
CA CYS A 19 0.43 -2.82 1.12
C CYS A 19 0.77 -4.27 1.43
N ARG A 20 0.30 -4.77 2.56
CA ARG A 20 0.56 -6.15 2.96
C ARG A 20 -0.15 -7.13 2.03
N VAL A 21 -1.38 -6.79 1.65
CA VAL A 21 -2.17 -7.63 0.76
C VAL A 21 -1.66 -7.54 -0.67
N CYS A 22 -1.17 -6.37 -1.05
CA CYS A 22 -0.66 -6.15 -2.40
C CYS A 22 0.51 -7.09 -2.69
N GLY A 23 1.46 -7.14 -1.77
CA GLY A 23 2.62 -8.00 -1.95
C GLY A 23 2.25 -9.46 -2.08
N ASN A 24 1.26 -9.89 -1.28
CA ASN A 24 0.81 -11.28 -1.31
C ASN A 24 0.08 -11.59 -2.62
N ARG A 25 -0.81 -10.69 -3.03
CA ARG A 25 -1.58 -10.87 -4.25
C ARG A 25 -0.64 -11.01 -5.45
N SER A 26 0.21 -10.01 -5.66
CA SER A 26 1.15 -10.02 -6.77
C SER A 26 2.22 -11.09 -6.57
N GLY A 27 2.47 -11.44 -5.31
CA GLY A 27 3.48 -12.44 -5.01
C GLY A 27 4.88 -11.88 -5.01
N ASN A 28 5.02 -10.61 -4.63
CA ASN A 28 6.31 -9.96 -4.59
C ASN A 28 6.51 -9.22 -3.27
N ASP A 29 7.50 -9.65 -2.50
CA ASP A 29 7.81 -9.03 -1.22
C ASP A 29 8.14 -7.56 -1.39
N GLU A 30 8.55 -7.18 -2.61
CA GLU A 30 8.90 -5.80 -2.91
C GLU A 30 7.65 -4.94 -3.07
N TYR A 31 6.61 -5.52 -3.67
CA TYR A 31 5.36 -4.81 -3.89
C TYR A 31 4.86 -4.18 -2.59
N TYR A 32 5.19 -4.79 -1.46
CA TYR A 32 4.78 -4.30 -0.16
C TYR A 32 5.23 -2.85 0.04
N SER A 33 6.51 -2.60 -0.24
CA SER A 33 7.07 -1.26 -0.09
C SER A 33 6.52 -0.32 -1.16
N GLU A 34 6.22 -0.87 -2.32
CA GLU A 34 5.69 -0.09 -3.43
C GLU A 34 4.45 0.69 -3.01
N CYS A 35 3.48 -0.02 -2.44
CA CYS A 35 2.24 0.61 -1.99
C CYS A 35 2.53 1.73 -0.99
N CYS A 36 3.55 1.52 -0.15
CA CYS A 36 3.92 2.52 0.85
C CYS A 36 4.45 3.79 0.17
N GLU A 37 4.80 3.67 -1.11
CA GLU A 37 5.32 4.81 -1.85
C GLU A 37 4.22 5.82 -2.14
N SER A 38 4.56 6.87 -2.89
CA SER A 38 3.60 7.91 -3.24
C SER A 38 2.25 7.30 -3.61
N ASP A 39 1.20 8.09 -3.45
CA ASP A 39 -0.16 7.64 -3.77
C ASP A 39 -0.21 7.03 -5.17
N TYR A 40 0.71 7.48 -6.03
CA TYR A 40 0.75 6.98 -7.40
C TYR A 40 0.74 5.45 -7.43
N ARG A 41 1.51 4.85 -6.53
CA ARG A 41 1.59 3.40 -6.46
C ARG A 41 0.46 2.84 -5.59
N TYR A 42 0.13 3.54 -4.52
CA TYR A 42 -0.94 3.12 -3.62
C TYR A 42 -2.21 2.82 -4.39
N HIS A 43 -2.59 3.72 -5.29
CA HIS A 43 -3.79 3.55 -6.09
C HIS A 43 -3.62 2.39 -7.08
N ARG A 44 -2.40 2.17 -7.52
CA ARG A 44 -2.10 1.10 -8.47
C ARG A 44 -2.30 -0.26 -7.83
N CYS A 45 -1.99 -0.36 -6.54
CA CYS A 45 -2.14 -1.61 -5.81
C CYS A 45 -3.61 -1.94 -5.59
N LEU A 46 -4.42 -0.90 -5.34
CA LEU A 46 -5.84 -1.08 -5.11
C LEU A 46 -6.51 -1.77 -6.30
N ASP A 47 -5.97 -1.52 -7.49
CA ASP A 47 -6.51 -2.13 -8.71
C ASP A 47 -6.56 -3.65 -8.58
N LEU A 48 -5.51 -4.23 -8.00
CA LEU A 48 -5.44 -5.67 -7.82
C LEU A 48 -6.34 -6.13 -6.69
N LEU A 49 -6.46 -5.30 -5.65
CA LEU A 49 -7.30 -5.61 -4.50
C LEU A 49 -8.77 -5.38 -4.82
N ARG A 50 -9.04 -4.88 -6.02
CA ARG A 50 -10.41 -4.61 -6.45
C ARG A 50 -11.28 -5.84 -6.29
N ASN A 51 -10.71 -7.01 -6.57
CA ASN A 51 -11.44 -8.27 -6.46
C ASN A 51 -11.17 -8.93 -5.11
N PHE A 52 -10.88 -8.12 -4.11
CA PHE A 52 -10.61 -8.61 -2.77
C PHE A 52 -11.47 -7.90 -1.73
N THR A 1 3.87 15.18 13.41
CA THR A 1 2.52 15.16 13.93
C THR A 1 1.66 14.14 13.19
N ASP A 2 2.21 12.95 12.98
CA ASP A 2 1.50 11.89 12.28
C ASP A 2 1.08 12.34 10.88
N ASP A 3 2.00 13.00 10.18
CA ASP A 3 1.73 13.49 8.83
C ASP A 3 2.19 12.48 7.78
N GLU A 4 1.67 12.61 6.57
CA GLU A 4 2.03 11.72 5.48
C GLU A 4 3.51 11.82 5.15
N SER A 5 4.14 12.90 5.61
CA SER A 5 5.57 13.12 5.36
C SER A 5 6.40 12.01 5.99
N SER A 6 5.80 11.27 6.91
CA SER A 6 6.50 10.18 7.59
C SER A 6 6.19 8.84 6.92
N ASN A 7 4.91 8.47 6.90
CA ASN A 7 4.48 7.22 6.29
C ASN A 7 2.97 7.18 6.12
N LYS A 8 2.52 7.16 4.87
CA LYS A 8 1.09 7.12 4.56
C LYS A 8 0.46 5.85 5.10
N CYS A 9 1.27 4.80 5.26
CA CYS A 9 0.79 3.53 5.77
C CYS A 9 0.35 3.65 7.22
N ALA A 10 0.91 4.63 7.93
CA ALA A 10 0.58 4.85 9.33
C ALA A 10 -0.55 5.87 9.47
N LYS A 11 -0.86 6.55 8.38
CA LYS A 11 -1.93 7.55 8.37
C LYS A 11 -3.29 6.88 8.43
N THR A 12 -3.34 5.61 8.07
CA THR A 12 -4.59 4.85 8.08
C THR A 12 -4.32 3.35 8.08
N LYS A 13 -5.24 2.59 8.67
CA LYS A 13 -5.11 1.15 8.75
C LYS A 13 -5.22 0.52 7.35
N ARG A 14 -6.20 0.97 6.59
CA ARG A 14 -6.42 0.46 5.24
C ARG A 14 -5.15 0.61 4.40
N ARG A 15 -4.48 1.74 4.54
CA ARG A 15 -3.25 2.01 3.80
C ARG A 15 -2.18 0.96 4.11
N GLU A 16 -2.04 0.63 5.39
CA GLU A 16 -1.06 -0.35 5.83
C GLU A 16 -1.42 -1.75 5.32
N ASN A 17 -2.72 -2.04 5.30
CA ASN A 17 -3.20 -3.33 4.84
C ASN A 17 -3.07 -3.46 3.33
N VAL A 18 -3.38 -2.38 2.62
CA VAL A 18 -3.30 -2.37 1.17
C VAL A 18 -1.89 -2.71 0.69
N CYS A 19 -0.90 -2.32 1.47
CA CYS A 19 0.50 -2.60 1.14
C CYS A 19 0.82 -4.07 1.33
N ARG A 20 0.37 -4.65 2.44
CA ARG A 20 0.61 -6.05 2.73
C ARG A 20 -0.14 -6.95 1.76
N VAL A 21 -1.42 -6.66 1.57
CA VAL A 21 -2.24 -7.44 0.65
C VAL A 21 -1.75 -7.32 -0.78
N CYS A 22 -1.22 -6.15 -1.12
CA CYS A 22 -0.71 -5.90 -2.47
C CYS A 22 0.42 -6.87 -2.81
N GLY A 23 1.34 -7.06 -1.88
CA GLY A 23 2.46 -7.96 -2.09
C GLY A 23 2.01 -9.41 -2.17
N ASN A 24 0.97 -9.75 -1.42
CA ASN A 24 0.45 -11.12 -1.40
C ASN A 24 -0.21 -11.47 -2.72
N ARG A 25 -1.05 -10.55 -3.21
CA ARG A 25 -1.76 -10.76 -4.47
C ARG A 25 -0.78 -10.94 -5.62
N SER A 26 0.08 -9.96 -5.81
CA SER A 26 1.08 -10.01 -6.89
C SER A 26 2.09 -11.13 -6.64
N GLY A 27 2.41 -11.36 -5.37
CA GLY A 27 3.35 -12.41 -5.03
C GLY A 27 4.79 -11.89 -4.97
N ASN A 28 4.95 -10.63 -4.61
CA ASN A 28 6.26 -10.02 -4.52
C ASN A 28 6.41 -9.21 -3.24
N ASP A 29 7.32 -9.63 -2.37
CA ASP A 29 7.55 -8.94 -1.11
C ASP A 29 7.91 -7.48 -1.34
N GLU A 30 8.41 -7.18 -2.54
CA GLU A 30 8.80 -5.83 -2.89
C GLU A 30 7.58 -4.93 -3.07
N TYR A 31 6.54 -5.50 -3.66
CA TYR A 31 5.30 -4.75 -3.88
C TYR A 31 4.81 -4.10 -2.60
N TYR A 32 5.13 -4.72 -1.47
CA TYR A 32 4.72 -4.20 -0.17
C TYR A 32 5.19 -2.76 0.01
N SER A 33 6.47 -2.53 -0.26
CA SER A 33 7.05 -1.19 -0.12
C SER A 33 6.52 -0.26 -1.22
N GLU A 34 6.21 -0.83 -2.38
CA GLU A 34 5.70 -0.04 -3.49
C GLU A 34 4.48 0.77 -3.08
N CYS A 35 3.54 0.11 -2.41
CA CYS A 35 2.32 0.77 -1.96
C CYS A 35 2.64 1.94 -1.04
N CYS A 36 3.61 1.74 -0.15
CA CYS A 36 4.02 2.78 0.78
C CYS A 36 4.53 4.01 0.04
N GLU A 37 4.89 3.82 -1.22
CA GLU A 37 5.40 4.92 -2.05
C GLU A 37 4.30 5.92 -2.37
N SER A 38 4.63 6.91 -3.19
CA SER A 38 3.67 7.94 -3.58
C SER A 38 2.31 7.32 -3.89
N ASP A 39 1.26 8.10 -3.75
CA ASP A 39 -0.10 7.64 -4.02
C ASP A 39 -0.18 6.99 -5.40
N TYR A 40 0.72 7.40 -6.29
CA TYR A 40 0.74 6.85 -7.65
C TYR A 40 0.72 5.33 -7.62
N ARG A 41 1.50 4.74 -6.73
CA ARG A 41 1.56 3.29 -6.61
C ARG A 41 0.44 2.77 -5.69
N TYR A 42 0.14 3.53 -4.65
CA TYR A 42 -0.91 3.15 -3.71
C TYR A 42 -2.20 2.82 -4.44
N HIS A 43 -2.61 3.70 -5.35
CA HIS A 43 -3.83 3.51 -6.11
C HIS A 43 -3.70 2.29 -7.03
N ARG A 44 -2.50 2.05 -7.52
CA ARG A 44 -2.24 0.92 -8.41
C ARG A 44 -2.43 -0.40 -7.67
N CYS A 45 -2.02 -0.43 -6.41
CA CYS A 45 -2.14 -1.64 -5.60
C CYS A 45 -3.60 -1.96 -5.31
N LEU A 46 -4.42 -0.91 -5.20
CA LEU A 46 -5.85 -1.08 -4.93
C LEU A 46 -6.52 -1.86 -6.05
N ASP A 47 -6.03 -1.70 -7.26
CA ASP A 47 -6.58 -2.40 -8.42
C ASP A 47 -6.57 -3.91 -8.20
N LEU A 48 -5.58 -4.39 -7.47
CA LEU A 48 -5.45 -5.82 -7.19
C LEU A 48 -6.44 -6.24 -6.11
N LEU A 49 -6.58 -5.40 -5.08
CA LEU A 49 -7.49 -5.69 -3.98
C LEU A 49 -8.94 -5.41 -4.38
N ARG A 50 -9.12 -4.95 -5.61
CA ARG A 50 -10.45 -4.64 -6.11
C ARG A 50 -11.40 -5.82 -5.92
N ASN A 51 -10.87 -7.02 -6.13
CA ASN A 51 -11.67 -8.24 -5.99
C ASN A 51 -11.40 -8.91 -4.65
N PHE A 52 -10.74 -8.18 -3.74
CA PHE A 52 -10.41 -8.70 -2.43
C PHE A 52 -11.45 -8.26 -1.39
N THR A 1 -0.52 17.07 7.52
CA THR A 1 0.09 17.80 8.63
C THR A 1 1.48 17.25 8.95
N ASP A 2 2.25 16.97 7.90
CA ASP A 2 3.60 16.44 8.07
C ASP A 2 3.57 15.08 8.77
N ASP A 3 2.51 14.32 8.53
CA ASP A 3 2.37 13.00 9.12
C ASP A 3 2.67 11.90 8.11
N GLU A 4 2.15 12.07 6.89
CA GLU A 4 2.36 11.09 5.83
C GLU A 4 3.83 11.03 5.44
N SER A 5 4.58 12.08 5.75
CA SER A 5 5.99 12.15 5.43
C SER A 5 6.75 10.99 6.08
N SER A 6 6.16 10.44 7.13
CA SER A 6 6.78 9.32 7.85
C SER A 6 6.37 7.98 7.23
N ASN A 7 5.08 7.70 7.26
CA ASN A 7 4.56 6.45 6.71
C ASN A 7 3.04 6.50 6.59
N LYS A 8 2.54 6.54 5.36
CA LYS A 8 1.11 6.58 5.12
C LYS A 8 0.44 5.30 5.60
N CYS A 9 1.20 4.22 5.67
CA CYS A 9 0.69 2.93 6.11
C CYS A 9 0.28 3.00 7.58
N ALA A 10 0.85 3.95 8.31
CA ALA A 10 0.54 4.13 9.72
C ALA A 10 -0.60 5.11 9.93
N LYS A 11 -0.92 5.86 8.87
CA LYS A 11 -2.00 6.84 8.93
C LYS A 11 -3.36 6.15 8.97
N THR A 12 -3.40 4.90 8.53
CA THR A 12 -4.65 4.13 8.52
C THR A 12 -4.37 2.64 8.43
N LYS A 13 -5.27 1.83 8.97
CA LYS A 13 -5.12 0.39 8.95
C LYS A 13 -5.24 -0.16 7.54
N ARG A 14 -6.23 0.34 6.80
CA ARG A 14 -6.45 -0.10 5.42
C ARG A 14 -5.19 0.10 4.58
N ARG A 15 -4.50 1.21 4.82
CA ARG A 15 -3.27 1.51 4.09
C ARG A 15 -2.22 0.44 4.31
N GLU A 16 -2.06 0.02 5.56
CA GLU A 16 -1.09 -1.00 5.91
C GLU A 16 -1.48 -2.36 5.33
N ASN A 17 -2.79 -2.62 5.31
CA ASN A 17 -3.30 -3.88 4.78
C ASN A 17 -3.17 -3.92 3.26
N VAL A 18 -3.45 -2.79 2.61
CA VAL A 18 -3.36 -2.70 1.16
C VAL A 18 -1.95 -3.06 0.67
N CYS A 19 -0.95 -2.67 1.45
CA CYS A 19 0.44 -2.96 1.10
C CYS A 19 0.77 -4.43 1.31
N ARG A 20 0.29 -4.98 2.43
CA ARG A 20 0.54 -6.39 2.75
C ARG A 20 -0.18 -7.30 1.76
N VAL A 21 -1.45 -7.00 1.49
CA VAL A 21 -2.23 -7.80 0.56
C VAL A 21 -1.73 -7.64 -0.86
N CYS A 22 -1.25 -6.45 -1.20
CA CYS A 22 -0.74 -6.17 -2.53
C CYS A 22 0.45 -7.08 -2.85
N GLY A 23 1.31 -7.27 -1.87
CA GLY A 23 2.48 -8.12 -2.07
C GLY A 23 2.12 -9.58 -2.27
N ASN A 24 1.13 -10.05 -1.51
CA ASN A 24 0.68 -11.43 -1.61
C ASN A 24 -0.03 -11.69 -2.94
N ARG A 25 -0.93 -10.78 -3.30
CA ARG A 25 -1.67 -10.90 -4.54
C ARG A 25 -0.73 -10.97 -5.75
N SER A 26 0.11 -9.96 -5.89
CA SER A 26 1.07 -9.91 -6.99
C SER A 26 2.14 -10.98 -6.83
N GLY A 27 2.38 -11.38 -5.59
CA GLY A 27 3.39 -12.40 -5.32
C GLY A 27 4.79 -11.82 -5.31
N ASN A 28 4.92 -10.58 -4.89
CA ASN A 28 6.22 -9.92 -4.84
C ASN A 28 6.43 -9.23 -3.49
N ASP A 29 7.42 -9.69 -2.75
CA ASP A 29 7.74 -9.12 -1.44
C ASP A 29 8.08 -7.64 -1.57
N GLU A 30 8.46 -7.23 -2.76
CA GLU A 30 8.82 -5.83 -3.01
C GLU A 30 7.58 -4.96 -3.13
N TYR A 31 6.52 -5.52 -3.73
CA TYR A 31 5.28 -4.79 -3.91
C TYR A 31 4.79 -4.21 -2.59
N TYR A 32 5.13 -4.88 -1.49
CA TYR A 32 4.73 -4.42 -0.16
C TYR A 32 5.20 -3.00 0.10
N SER A 33 6.47 -2.74 -0.17
CA SER A 33 7.04 -1.42 0.02
C SER A 33 6.51 -0.43 -1.01
N GLU A 34 6.20 -0.94 -2.21
CA GLU A 34 5.68 -0.10 -3.28
C GLU A 34 4.45 0.68 -2.82
N CYS A 35 3.47 -0.04 -2.29
CA CYS A 35 2.24 0.59 -1.81
C CYS A 35 2.55 1.65 -0.77
N CYS A 36 3.57 1.40 0.04
CA CYS A 36 3.96 2.34 1.09
C CYS A 36 4.52 3.63 0.48
N GLU A 37 4.80 3.58 -0.82
CA GLU A 37 5.35 4.75 -1.52
C GLU A 37 4.26 5.78 -1.77
N SER A 38 4.62 6.85 -2.49
CA SER A 38 3.67 7.91 -2.79
C SER A 38 2.31 7.33 -3.18
N ASP A 39 1.26 8.13 -2.99
CA ASP A 39 -0.09 7.70 -3.32
C ASP A 39 -0.15 7.15 -4.74
N TYR A 40 0.76 7.62 -5.59
CA TYR A 40 0.81 7.17 -6.98
C TYR A 40 0.78 5.65 -7.06
N ARG A 41 1.55 5.00 -6.20
CA ARG A 41 1.63 3.55 -6.17
C ARG A 41 0.48 2.96 -5.34
N TYR A 42 0.16 3.62 -4.23
CA TYR A 42 -0.90 3.17 -3.35
C TYR A 42 -2.18 2.92 -4.14
N HIS A 43 -2.52 3.84 -5.04
CA HIS A 43 -3.72 3.72 -5.86
C HIS A 43 -3.57 2.60 -6.88
N ARG A 44 -2.34 2.39 -7.35
CA ARG A 44 -2.07 1.34 -8.33
C ARG A 44 -2.29 -0.04 -7.73
N CYS A 45 -2.02 -0.17 -6.43
CA CYS A 45 -2.19 -1.43 -5.73
C CYS A 45 -3.67 -1.75 -5.53
N LEU A 46 -4.46 -0.71 -5.26
CA LEU A 46 -5.90 -0.88 -5.04
C LEU A 46 -6.55 -1.52 -6.25
N ASP A 47 -6.02 -1.25 -7.43
CA ASP A 47 -6.55 -1.81 -8.67
C ASP A 47 -6.64 -3.32 -8.60
N LEU A 48 -5.59 -3.94 -8.07
CA LEU A 48 -5.54 -5.39 -7.94
C LEU A 48 -6.43 -5.87 -6.79
N LEU A 49 -6.54 -5.04 -5.76
CA LEU A 49 -7.36 -5.38 -4.60
C LEU A 49 -8.84 -5.14 -4.90
N ARG A 50 -9.13 -4.64 -6.09
CA ARG A 50 -10.51 -4.38 -6.50
C ARG A 50 -11.36 -5.62 -6.32
N ASN A 51 -10.83 -6.78 -6.70
CA ASN A 51 -11.55 -8.04 -6.58
C ASN A 51 -11.26 -8.70 -5.23
N PHE A 52 -10.67 -7.95 -4.33
CA PHE A 52 -10.35 -8.46 -2.99
C PHE A 52 -11.30 -7.88 -1.94
N THR A 1 2.26 14.61 16.35
CA THR A 1 1.58 14.80 15.08
C THR A 1 2.25 13.98 13.98
N ASP A 2 1.55 12.96 13.50
CA ASP A 2 2.08 12.10 12.45
C ASP A 2 1.57 12.56 11.07
N ASP A 3 2.50 12.92 10.20
CA ASP A 3 2.16 13.38 8.86
C ASP A 3 2.53 12.32 7.82
N GLU A 4 1.98 12.47 6.61
CA GLU A 4 2.25 11.53 5.53
C GLU A 4 3.73 11.56 5.15
N SER A 5 4.43 12.61 5.58
CA SER A 5 5.85 12.75 5.29
C SER A 5 6.66 11.60 5.90
N SER A 6 6.04 10.91 6.86
CA SER A 6 6.70 9.79 7.53
C SER A 6 6.34 8.47 6.86
N ASN A 7 5.05 8.15 6.86
CA ASN A 7 4.57 6.92 6.25
C ASN A 7 3.05 6.93 6.10
N LYS A 8 2.58 6.96 4.86
CA LYS A 8 1.15 6.98 4.58
C LYS A 8 0.48 5.70 5.08
N CYS A 9 1.26 4.63 5.17
CA CYS A 9 0.74 3.35 5.64
C CYS A 9 0.27 3.46 7.09
N ALA A 10 0.89 4.36 7.85
CA ALA A 10 0.52 4.56 9.25
C ALA A 10 -0.57 5.61 9.38
N LYS A 11 -0.79 6.37 8.32
CA LYS A 11 -1.80 7.42 8.32
C LYS A 11 -3.21 6.81 8.27
N THR A 12 -3.28 5.52 7.93
CA THR A 12 -4.56 4.83 7.85
C THR A 12 -4.36 3.32 7.90
N LYS A 13 -5.34 2.62 8.47
CA LYS A 13 -5.28 1.17 8.60
C LYS A 13 -5.36 0.50 7.22
N ARG A 14 -6.27 1.00 6.38
CA ARG A 14 -6.45 0.45 5.05
C ARG A 14 -5.17 0.60 4.22
N ARG A 15 -4.46 1.70 4.43
CA ARG A 15 -3.22 1.96 3.72
C ARG A 15 -2.18 0.90 4.03
N GLU A 16 -2.07 0.56 5.32
CA GLU A 16 -1.11 -0.45 5.76
C GLU A 16 -1.48 -1.84 5.24
N ASN A 17 -2.78 -2.12 5.24
CA ASN A 17 -3.29 -3.41 4.77
C ASN A 17 -3.13 -3.53 3.25
N VAL A 18 -3.43 -2.46 2.54
CA VAL A 18 -3.32 -2.45 1.08
C VAL A 18 -1.91 -2.79 0.64
N CYS A 19 -0.92 -2.38 1.43
CA CYS A 19 0.48 -2.66 1.12
C CYS A 19 0.82 -4.12 1.37
N ARG A 20 0.34 -4.65 2.48
CA ARG A 20 0.60 -6.04 2.84
C ARG A 20 -0.13 -6.99 1.90
N VAL A 21 -1.39 -6.67 1.60
CA VAL A 21 -2.19 -7.50 0.71
C VAL A 21 -1.69 -7.40 -0.73
N CYS A 22 -1.20 -6.23 -1.11
CA CYS A 22 -0.69 -6.01 -2.46
C CYS A 22 0.48 -6.95 -2.75
N GLY A 23 1.37 -7.10 -1.77
CA GLY A 23 2.51 -7.98 -1.95
C GLY A 23 2.12 -9.45 -2.03
N ASN A 24 1.12 -9.83 -1.26
CA ASN A 24 0.65 -11.20 -1.24
C ASN A 24 -0.05 -11.55 -2.56
N ARG A 25 -0.92 -10.67 -3.01
CA ARG A 25 -1.66 -10.88 -4.25
C ARG A 25 -0.70 -11.03 -5.44
N SER A 26 0.14 -10.01 -5.64
CA SER A 26 1.10 -10.03 -6.73
C SER A 26 2.14 -11.12 -6.52
N GLY A 27 2.48 -11.38 -5.26
CA GLY A 27 3.45 -12.40 -4.95
C GLY A 27 4.87 -11.86 -4.92
N ASN A 28 4.99 -10.54 -4.80
CA ASN A 28 6.30 -9.90 -4.77
C ASN A 28 6.51 -9.16 -3.44
N ASP A 29 7.50 -9.59 -2.68
CA ASP A 29 7.80 -8.97 -1.39
C ASP A 29 8.13 -7.49 -1.57
N GLU A 30 8.51 -7.12 -2.78
CA GLU A 30 8.86 -5.73 -3.08
C GLU A 30 7.60 -4.88 -3.23
N TYR A 31 6.55 -5.46 -3.81
CA TYR A 31 5.29 -4.76 -4.01
C TYR A 31 4.81 -4.13 -2.71
N TYR A 32 5.15 -4.76 -1.59
CA TYR A 32 4.76 -4.26 -0.28
C TYR A 32 5.20 -2.81 -0.08
N SER A 33 6.48 -2.56 -0.36
CA SER A 33 7.03 -1.22 -0.21
C SER A 33 6.50 -0.29 -1.28
N GLU A 34 6.20 -0.85 -2.45
CA GLU A 34 5.68 -0.06 -3.57
C GLU A 34 4.46 0.74 -3.15
N CYS A 35 3.49 0.07 -2.55
CA CYS A 35 2.26 0.72 -2.10
C CYS A 35 2.58 1.85 -1.13
N CYS A 36 3.56 1.63 -0.27
CA CYS A 36 3.96 2.64 0.71
C CYS A 36 4.50 3.88 0.02
N GLU A 37 4.87 3.75 -1.25
CA GLU A 37 5.39 4.86 -2.03
C GLU A 37 4.29 5.87 -2.33
N SER A 38 4.63 6.89 -3.12
CA SER A 38 3.68 7.94 -3.47
C SER A 38 2.32 7.34 -3.81
N ASP A 39 1.27 8.14 -3.65
CA ASP A 39 -0.08 7.68 -3.94
C ASP A 39 -0.16 7.06 -5.33
N TYR A 40 0.72 7.48 -6.22
CA TYR A 40 0.75 6.96 -7.57
C TYR A 40 0.73 5.43 -7.57
N ARG A 41 1.55 4.84 -6.70
CA ARG A 41 1.63 3.39 -6.61
C ARG A 41 0.51 2.84 -5.74
N TYR A 42 0.19 3.56 -4.66
CA TYR A 42 -0.86 3.15 -3.75
C TYR A 42 -2.15 2.85 -4.50
N HIS A 43 -2.54 3.76 -5.39
CA HIS A 43 -3.76 3.59 -6.17
C HIS A 43 -3.62 2.41 -7.13
N ARG A 44 -2.41 2.19 -7.63
CA ARG A 44 -2.15 1.09 -8.57
C ARG A 44 -2.34 -0.25 -7.88
N CYS A 45 -2.09 -0.29 -6.58
CA CYS A 45 -2.22 -1.52 -5.80
C CYS A 45 -3.69 -1.82 -5.53
N LEU A 46 -4.47 -0.79 -5.26
CA LEU A 46 -5.89 -0.95 -4.98
C LEU A 46 -6.60 -1.63 -6.15
N ASP A 47 -6.10 -1.39 -7.36
CA ASP A 47 -6.69 -1.98 -8.56
C ASP A 47 -6.75 -3.50 -8.44
N LEU A 48 -5.68 -4.09 -7.91
CA LEU A 48 -5.60 -5.53 -7.73
C LEU A 48 -6.46 -5.99 -6.56
N LEU A 49 -6.54 -5.15 -5.53
CA LEU A 49 -7.32 -5.47 -4.35
C LEU A 49 -8.81 -5.25 -4.61
N ARG A 50 -9.13 -4.73 -5.79
CA ARG A 50 -10.51 -4.46 -6.16
C ARG A 50 -11.37 -5.71 -5.97
N ASN A 51 -10.81 -6.86 -6.31
CA ASN A 51 -11.53 -8.13 -6.19
C ASN A 51 -11.19 -8.82 -4.87
N PHE A 52 -10.78 -8.02 -3.89
CA PHE A 52 -10.41 -8.56 -2.58
C PHE A 52 -11.32 -7.99 -1.49
N THR A 1 0.31 17.64 10.49
CA THR A 1 1.06 18.31 9.43
C THR A 1 2.13 17.39 8.84
N ASP A 2 2.88 16.74 9.72
CA ASP A 2 3.94 15.84 9.29
C ASP A 2 3.58 14.39 9.63
N ASP A 3 2.31 14.07 9.52
CA ASP A 3 1.82 12.72 9.82
C ASP A 3 2.19 11.76 8.69
N GLU A 4 1.60 11.98 7.52
CA GLU A 4 1.85 11.13 6.36
C GLU A 4 3.33 11.19 5.96
N SER A 5 4.02 12.22 6.44
CA SER A 5 5.44 12.39 6.13
C SER A 5 6.27 11.23 6.67
N SER A 6 5.67 10.48 7.59
CA SER A 6 6.35 9.33 8.20
C SER A 6 6.03 8.06 7.43
N ASN A 7 4.75 7.70 7.37
CA ASN A 7 4.33 6.49 6.68
C ASN A 7 2.81 6.47 6.51
N LYS A 8 2.35 6.63 5.28
CA LYS A 8 0.93 6.63 4.98
C LYS A 8 0.28 5.32 5.43
N CYS A 9 1.09 4.27 5.55
CA CYS A 9 0.60 2.97 5.97
C CYS A 9 0.24 2.98 7.46
N ALA A 10 0.81 3.93 8.19
CA ALA A 10 0.55 4.05 9.63
C ALA A 10 -0.59 5.02 9.90
N LYS A 11 -0.97 5.79 8.87
CA LYS A 11 -2.03 6.76 9.00
C LYS A 11 -3.39 6.08 8.96
N THR A 12 -3.42 4.83 8.52
CA THR A 12 -4.65 4.06 8.43
C THR A 12 -4.37 2.57 8.32
N LYS A 13 -5.29 1.76 8.84
CA LYS A 13 -5.13 0.30 8.80
C LYS A 13 -5.24 -0.21 7.37
N ARG A 14 -6.27 0.23 6.65
CA ARG A 14 -6.47 -0.18 5.28
C ARG A 14 -5.21 0.03 4.44
N ARG A 15 -4.56 1.17 4.65
CA ARG A 15 -3.34 1.50 3.92
C ARG A 15 -2.25 0.46 4.18
N GLU A 16 -2.15 0.02 5.43
CA GLU A 16 -1.15 -0.97 5.81
C GLU A 16 -1.49 -2.34 5.23
N ASN A 17 -2.79 -2.63 5.16
CA ASN A 17 -3.25 -3.91 4.63
C ASN A 17 -3.10 -3.96 3.11
N VAL A 18 -3.38 -2.83 2.46
CA VAL A 18 -3.27 -2.73 1.01
C VAL A 18 -1.86 -3.07 0.54
N CYS A 19 -0.87 -2.67 1.33
CA CYS A 19 0.53 -2.93 0.99
C CYS A 19 0.88 -4.40 1.23
N ARG A 20 0.39 -4.95 2.34
CA ARG A 20 0.66 -6.34 2.68
C ARG A 20 -0.02 -7.28 1.69
N VAL A 21 -1.29 -6.99 1.37
CA VAL A 21 -2.04 -7.80 0.43
C VAL A 21 -1.52 -7.65 -0.99
N CYS A 22 -1.06 -6.45 -1.32
CA CYS A 22 -0.53 -6.16 -2.65
C CYS A 22 0.67 -7.04 -2.95
N GLY A 23 1.51 -7.27 -1.94
CA GLY A 23 2.69 -8.10 -2.13
C GLY A 23 2.35 -9.57 -2.26
N ASN A 24 1.37 -10.02 -1.47
CA ASN A 24 0.96 -11.41 -1.49
C ASN A 24 0.23 -11.73 -2.80
N ARG A 25 -0.69 -10.87 -3.20
CA ARG A 25 -1.45 -11.06 -4.42
C ARG A 25 -0.53 -11.05 -5.64
N SER A 26 0.22 -9.96 -5.80
CA SER A 26 1.13 -9.82 -6.92
C SER A 26 2.26 -10.86 -6.84
N GLY A 27 2.54 -11.32 -5.62
CA GLY A 27 3.58 -12.30 -5.43
C GLY A 27 4.97 -11.69 -5.46
N ASN A 28 5.07 -10.45 -5.00
CA ASN A 28 6.36 -9.74 -4.98
C ASN A 28 6.59 -9.09 -3.62
N ASP A 29 7.64 -9.54 -2.93
CA ASP A 29 7.98 -9.00 -1.62
C ASP A 29 8.28 -7.51 -1.71
N GLU A 30 8.69 -7.07 -2.89
CA GLU A 30 9.02 -5.66 -3.10
C GLU A 30 7.75 -4.82 -3.24
N TYR A 31 6.73 -5.39 -3.86
CA TYR A 31 5.46 -4.70 -4.06
C TYR A 31 4.95 -4.13 -2.74
N TYR A 32 5.29 -4.80 -1.64
CA TYR A 32 4.86 -4.37 -0.31
C TYR A 32 5.28 -2.92 -0.05
N SER A 33 6.55 -2.63 -0.31
CA SER A 33 7.07 -1.28 -0.09
C SER A 33 6.53 -0.31 -1.14
N GLU A 34 6.26 -0.83 -2.32
CA GLU A 34 5.74 -0.01 -3.41
C GLU A 34 4.49 0.74 -2.97
N CYS A 35 3.52 0.01 -2.42
CA CYS A 35 2.28 0.61 -1.94
C CYS A 35 2.55 1.71 -0.93
N CYS A 36 3.58 1.51 -0.11
CA CYS A 36 3.95 2.48 0.91
C CYS A 36 4.51 3.76 0.27
N GLU A 37 4.78 3.69 -1.03
CA GLU A 37 5.32 4.84 -1.76
C GLU A 37 4.22 5.84 -2.06
N SER A 38 4.58 6.89 -2.81
CA SER A 38 3.63 7.93 -3.16
C SER A 38 2.28 7.33 -3.55
N ASP A 39 1.21 8.11 -3.39
CA ASP A 39 -0.13 7.66 -3.73
C ASP A 39 -0.17 7.07 -5.13
N TYR A 40 0.74 7.52 -5.98
CA TYR A 40 0.81 7.04 -7.36
C TYR A 40 0.80 5.51 -7.40
N ARG A 41 1.54 4.90 -6.48
CA ARG A 41 1.62 3.45 -6.42
C ARG A 41 0.48 2.87 -5.59
N TYR A 42 0.17 3.53 -4.48
CA TYR A 42 -0.90 3.09 -3.60
C TYR A 42 -2.19 2.87 -4.38
N HIS A 43 -2.48 3.79 -5.29
CA HIS A 43 -3.68 3.70 -6.12
C HIS A 43 -3.59 2.54 -7.10
N ARG A 44 -2.37 2.24 -7.53
CA ARG A 44 -2.14 1.16 -8.49
C ARG A 44 -2.40 -0.20 -7.83
N CYS A 45 -1.99 -0.33 -6.57
CA CYS A 45 -2.18 -1.57 -5.83
C CYS A 45 -3.66 -1.85 -5.61
N LEU A 46 -4.43 -0.79 -5.40
CA LEU A 46 -5.88 -0.92 -5.18
C LEU A 46 -6.55 -1.61 -6.36
N ASP A 47 -6.00 -1.40 -7.55
CA ASP A 47 -6.55 -2.00 -8.77
C ASP A 47 -6.67 -3.52 -8.62
N LEU A 48 -5.64 -4.13 -8.04
CA LEU A 48 -5.63 -5.58 -7.84
C LEU A 48 -6.55 -5.97 -6.68
N LEU A 49 -6.64 -5.10 -5.68
CA LEU A 49 -7.48 -5.36 -4.52
C LEU A 49 -8.94 -5.08 -4.84
N ARG A 50 -9.20 -4.61 -6.05
CA ARG A 50 -10.55 -4.30 -6.49
C ARG A 50 -11.47 -5.52 -6.32
N ASN A 51 -10.93 -6.70 -6.62
CA ASN A 51 -11.69 -7.93 -6.50
C ASN A 51 -11.93 -8.29 -5.04
N PHE A 52 -11.17 -7.66 -4.15
CA PHE A 52 -11.31 -7.91 -2.72
C PHE A 52 -12.30 -6.95 -2.09
N THR A 1 0.79 19.97 11.15
CA THR A 1 0.84 18.54 11.46
C THR A 1 1.17 17.72 10.22
N ASP A 2 2.30 17.03 10.26
CA ASP A 2 2.73 16.20 9.14
C ASP A 2 3.06 14.79 9.60
N ASP A 3 2.10 13.88 9.44
CA ASP A 3 2.29 12.49 9.83
C ASP A 3 2.65 11.63 8.63
N GLU A 4 2.08 11.96 7.48
CA GLU A 4 2.35 11.20 6.26
C GLU A 4 3.82 11.27 5.89
N SER A 5 4.53 12.25 6.46
CA SER A 5 5.96 12.42 6.19
C SER A 5 6.76 11.25 6.73
N SER A 6 6.12 10.44 7.57
CA SER A 6 6.78 9.28 8.17
C SER A 6 6.44 8.01 7.39
N ASN A 7 5.16 7.68 7.34
CA ASN A 7 4.71 6.48 6.63
C ASN A 7 3.19 6.51 6.44
N LYS A 8 2.76 6.58 5.18
CA LYS A 8 1.34 6.61 4.86
C LYS A 8 0.65 5.33 5.34
N CYS A 9 1.41 4.25 5.43
CA CYS A 9 0.87 2.97 5.88
C CYS A 9 0.45 3.05 7.35
N ALA A 10 1.10 3.93 8.10
CA ALA A 10 0.79 4.11 9.51
C ALA A 10 -0.32 5.12 9.72
N LYS A 11 -0.67 5.83 8.65
CA LYS A 11 -1.72 6.84 8.71
C LYS A 11 -3.10 6.18 8.80
N THR A 12 -3.18 4.92 8.38
CA THR A 12 -4.44 4.19 8.42
C THR A 12 -4.19 2.69 8.31
N LYS A 13 -5.12 1.89 8.85
CA LYS A 13 -5.01 0.44 8.80
C LYS A 13 -5.10 -0.07 7.37
N ARG A 14 -6.12 0.39 6.65
CA ARG A 14 -6.32 -0.02 5.26
C ARG A 14 -5.05 0.18 4.45
N ARG A 15 -4.40 1.31 4.65
CA ARG A 15 -3.17 1.63 3.93
C ARG A 15 -2.10 0.58 4.19
N GLU A 16 -1.97 0.16 5.45
CA GLU A 16 -0.98 -0.85 5.83
C GLU A 16 -1.39 -2.22 5.32
N ASN A 17 -2.70 -2.47 5.28
CA ASN A 17 -3.22 -3.75 4.82
C ASN A 17 -3.10 -3.88 3.30
N VAL A 18 -3.31 -2.76 2.61
CA VAL A 18 -3.23 -2.74 1.15
C VAL A 18 -1.83 -3.12 0.68
N CYS A 19 -0.81 -2.65 1.42
CA CYS A 19 0.57 -2.94 1.07
C CYS A 19 0.91 -4.40 1.33
N ARG A 20 0.37 -4.94 2.42
CA ARG A 20 0.61 -6.34 2.78
C ARG A 20 -0.14 -7.27 1.86
N VAL A 21 -1.36 -6.89 1.50
CA VAL A 21 -2.19 -7.70 0.61
C VAL A 21 -1.72 -7.58 -0.84
N CYS A 22 -1.21 -6.41 -1.20
CA CYS A 22 -0.73 -6.16 -2.55
C CYS A 22 0.41 -7.12 -2.91
N GLY A 23 1.36 -7.24 -2.00
CA GLY A 23 2.49 -8.13 -2.23
C GLY A 23 2.08 -9.57 -2.39
N ASN A 24 1.09 -9.99 -1.59
CA ASN A 24 0.60 -11.37 -1.64
C ASN A 24 -0.14 -11.63 -2.95
N ARG A 25 -1.01 -10.70 -3.33
CA ARG A 25 -1.78 -10.84 -4.56
C ARG A 25 -0.86 -10.94 -5.77
N SER A 26 -0.02 -9.93 -5.95
CA SER A 26 0.91 -9.89 -7.07
C SER A 26 1.94 -11.02 -6.96
N GLY A 27 2.30 -11.35 -5.72
CA GLY A 27 3.27 -12.41 -5.50
C GLY A 27 4.70 -11.89 -5.45
N ASN A 28 4.85 -10.59 -5.23
CA ASN A 28 6.16 -9.97 -5.16
C ASN A 28 6.39 -9.30 -3.81
N ASP A 29 7.38 -9.78 -3.08
CA ASP A 29 7.70 -9.24 -1.76
C ASP A 29 8.07 -7.76 -1.86
N GLU A 30 8.45 -7.33 -3.06
CA GLU A 30 8.82 -5.94 -3.30
C GLU A 30 7.59 -5.06 -3.38
N TYR A 31 6.52 -5.58 -3.97
CA TYR A 31 5.28 -4.83 -4.12
C TYR A 31 4.83 -4.25 -2.78
N TYR A 32 5.18 -4.93 -1.70
CA TYR A 32 4.82 -4.49 -0.36
C TYR A 32 5.30 -3.06 -0.11
N SER A 33 6.58 -2.83 -0.39
CA SER A 33 7.17 -1.52 -0.19
C SER A 33 6.65 -0.52 -1.22
N GLU A 34 6.33 -1.03 -2.41
CA GLU A 34 5.82 -0.18 -3.48
C GLU A 34 4.60 0.61 -3.03
N CYS A 35 3.62 -0.09 -2.47
CA CYS A 35 2.40 0.53 -1.98
C CYS A 35 2.71 1.62 -0.97
N CYS A 36 3.72 1.38 -0.14
CA CYS A 36 4.13 2.35 0.87
C CYS A 36 4.68 3.61 0.23
N GLU A 37 5.03 3.52 -1.06
CA GLU A 37 5.58 4.65 -1.78
C GLU A 37 4.50 5.71 -2.04
N SER A 38 4.87 6.75 -2.78
CA SER A 38 3.93 7.82 -3.09
C SER A 38 2.57 7.27 -3.47
N ASP A 39 1.53 8.07 -3.28
CA ASP A 39 0.17 7.66 -3.60
C ASP A 39 0.09 7.09 -5.01
N TYR A 40 1.00 7.53 -5.88
CA TYR A 40 1.03 7.07 -7.26
C TYR A 40 0.99 5.55 -7.33
N ARG A 41 1.72 4.90 -6.44
CA ARG A 41 1.77 3.44 -6.41
C ARG A 41 0.62 2.89 -5.57
N TYR A 42 0.34 3.54 -4.44
CA TYR A 42 -0.74 3.11 -3.56
C TYR A 42 -2.04 2.93 -4.33
N HIS A 43 -2.32 3.88 -5.23
CA HIS A 43 -3.53 3.82 -6.03
C HIS A 43 -3.48 2.66 -7.01
N ARG A 44 -2.27 2.31 -7.46
CA ARG A 44 -2.09 1.23 -8.41
C ARG A 44 -2.41 -0.12 -7.75
N CYS A 45 -2.06 -0.26 -6.48
CA CYS A 45 -2.31 -1.49 -5.75
C CYS A 45 -3.80 -1.69 -5.51
N LEU A 46 -4.51 -0.60 -5.28
CA LEU A 46 -5.95 -0.65 -5.04
C LEU A 46 -6.67 -1.31 -6.20
N ASP A 47 -6.12 -1.16 -7.40
CA ASP A 47 -6.71 -1.75 -8.59
C ASP A 47 -6.71 -3.28 -8.50
N LEU A 48 -5.71 -3.82 -7.82
CA LEU A 48 -5.59 -5.27 -7.66
C LEU A 48 -6.52 -5.77 -6.55
N LEU A 49 -6.51 -5.06 -5.43
CA LEU A 49 -7.35 -5.43 -4.29
C LEU A 49 -8.79 -5.00 -4.52
N ARG A 50 -9.03 -4.25 -5.59
CA ARG A 50 -10.36 -3.77 -5.92
C ARG A 50 -11.37 -4.91 -5.92
N ASN A 51 -10.89 -6.11 -6.27
CA ASN A 51 -11.75 -7.29 -6.31
C ASN A 51 -11.80 -7.98 -4.94
N PHE A 52 -10.72 -7.84 -4.18
CA PHE A 52 -10.64 -8.44 -2.86
C PHE A 52 -11.75 -7.92 -1.95
#